data_6LQA
#
_entry.id   6LQA
#
_cell.length_a   1.00
_cell.length_b   1.00
_cell.length_c   1.00
_cell.angle_alpha   90.00
_cell.angle_beta   90.00
_cell.angle_gamma   90.00
#
_symmetry.space_group_name_H-M   'P 1'
#
loop_
_entity.id
_entity.type
_entity.pdbx_description
1 polymer 'Sodium channel protein type 5 subunit alpha'
2 non-polymer 2-acetamido-2-deoxy-beta-D-glucopyranose
3 non-polymer Quinidine
#
_entity_poly.entity_id   1
_entity_poly.type   'polypeptide(L)'
_entity_poly.pdbx_seq_one_letter_code
;MASWSHPQFEKGGGARGGSGGGSWSHPQFEKGFDYKDDDDKGTMANFLLPRGTSSFRRFTRESLAAIEKRMAEKQARGST
TLQESREGLPEEEAPRPQLDLQASKKLPDLYGNPPQELIGEPLEDLDPFYSTQKTFIVLNKGKTIFRFSATNALYVLSPF
HPIRRAAVKILVHSLFNMLIMCTILTNCVFMAQHDPPPWTKYVEYTFTAIYTFESLVKILARGFCLHAFTFLRDPWNWLD
FSVIIMAYTTEFVDLGNVSALRTFRVLRALKTISVISGLKTIVGALIQSVKKLADVMVLTVFCLSVFALIGLQLFMGNLR
HKCVRNFTALNGTNGSVEADGLVWESLDLYLSDPENYLLKNGTSDVLLCGNSSDAGTCPEGYRCLKAGENPDHGYTSFDS
FAWAFLALFRLMTQDCWERLYQQTLRSAGKIYMIFFMLVIFLGSFYLVNLILAVVAMAYEEQNQATIAETEEKEKRFQEA
MEMLKKEHEALTIRGVDTVSRSSLEMSPLAPVNSHERRSKRRKRMSSGTEECGEDRLPKSDSEDGPRAMNHLSLTRGLSR
TSMKPRSSRGSIFTFRRRDLGSEADFADDENSTAGESESHHTSLLVPWPLRRTSAQGQPSPGTSAPGHALHGKKNSTVDC
NGVVSLLGAGDPEATSPGSHLLRPVMLEHPPDTTTPSEEPGGPQMLTSQAPCVDGFEEPGARQRALSAVSVLTSALEELE
ESRHKCPPCWNRLAQRYLIWECCPLWMSIKQGVKLVVMDPFTDLTITMCIVLNTLFMALEHYNMTSEFEEMLQVGNLVFT
GIFTAEMTFKIIALDPYYYFQQGWNIFDSIIVILSLMELGLSRMSNLSVLRSFRLLRVFKLAKSWPTLNTLIKIIGNSVG
ALGNLTLVLAIIVFIFAVVGMQLFGKNYSELRDSDSGLLPRWHMMDFFHAFLIIFRILCGEWIETMWDCMEVSGQSLCLL
VFLLVMVIGNLVVLNLFLALLLSSFSADNLTAPDEDREMNNLQLALARIQRGLRFVKRTTWDFCCGLLRQRPQKPAALAA
QGQLPSCIATPYSPPPPETEKVPPTRKETRFEEGEQPGQGTPGDPEPVCVPIAVAESDTDDQEEDEENSLGTEEESSKQQ
ESQPVSGGPEAPPDSRTWSQVSATASSEAEASASQADWRQQWKAEPQAPGCGETPEDSCSEGSTADMTNTAELLEQIPDL
GQDVKDPEDCFTEGCVRRCPCCAVDTTQAPGKVWWRLRKTCYHIVEHSWFETFIIFMILLSSGALAFEDIYLEERKTIKV
LLEYADKMFTYVFVLEMLLKWVAYGFKKYFTNAWCWLDFLIVDVSLVSLVANTLGFAEMGPIKSLRTLRALRPLRALSRF
EGMRVVVNALVGAIPSIMNVLLVCLIFWLIFSIMGVNLFAGKFGRCINQTEGDLPLNYTIVNNKSQCESLNLTGELYWTK
VKVNFDNVGAGYLALLQVATFKGWMDIMYAAVDSRGYEEQPQWEYNLYMYIYFVIFIIFGSFFTLNLFIGVIIDNFNQQK
KKLGGQDIFMTEEQKKYYNAMKKLGSKKPQKPIPRPLNKYQGFIFDIVTKQAFDVTIMFLICLNMVTMMVETDDQSPEKI
NILAKINLLFVAIFTGECIVKLAALRHYYFTNSWNIFDFVVVILSIVGTVLSDIIQKYFFSPTLFRVIRLARIGRILRLI
RGAKGIRTLLFALMMSLPALFNIGLLLFLVMFIYSIFGMANFAYVKWEAGIDDMFNFQTFANSMLCLFQITTSAGWDGLL
SPILNTGPPYCDPTLPNSNGSRGDCGSPAVGILFFTTYIIISFLIVVNMYIAIILENFSVATEESTEPLSEDDFDMFYEI
WEKFDPEATQFIEYSVLSDFADALSEPLRIAKPNQISLINMDLPMVSGDRIHCMDILFAFTKRVLGESGEMDALKIQMEE
KFMAANPSKISYEPITTTLRRKHEEVSAMVIQRAFRRHLLQRSLKHASFLFRQQAGSGLSEEDAPEREGLIAYVMSENFS
RPLGPPSSSSISSTSFPPSYDSVTRATSDNLQVRGSDYSHSEDLADFPPSPDRDRESIV
;
_entity_poly.pdbx_strand_id   B
#
# COMPACT_ATOMS: atom_id res chain seq x y z
N PRO A 162 54.64 -17.06 -27.92
CA PRO A 162 53.79 -17.39 -29.07
C PRO A 162 52.73 -16.34 -29.32
N ILE A 163 51.47 -16.78 -29.43
CA ILE A 163 50.35 -15.86 -29.57
C ILE A 163 49.52 -15.77 -28.29
N ARG A 164 49.87 -16.52 -27.26
CA ARG A 164 49.17 -16.41 -25.98
C ARG A 164 49.48 -15.06 -25.34
N ARG A 165 50.72 -14.60 -25.46
CA ARG A 165 51.06 -13.24 -25.06
C ARG A 165 50.37 -12.22 -25.96
N ALA A 166 50.03 -12.61 -27.19
CA ALA A 166 49.25 -11.75 -28.07
C ALA A 166 47.76 -11.80 -27.79
N ALA A 167 47.24 -12.92 -27.30
CA ALA A 167 45.83 -12.98 -26.93
C ALA A 167 45.55 -12.24 -25.63
N VAL A 168 46.50 -12.28 -24.68
CA VAL A 168 46.40 -11.43 -23.50
C VAL A 168 46.41 -9.95 -23.88
N LYS A 169 47.14 -9.60 -24.94
CA LYS A 169 47.17 -8.23 -25.44
C LYS A 169 45.83 -7.83 -26.04
N ILE A 170 45.09 -8.79 -26.60
CA ILE A 170 43.75 -8.47 -27.09
C ILE A 170 42.77 -8.36 -25.94
N LEU A 171 42.95 -9.19 -24.90
CA LEU A 171 41.97 -9.31 -23.82
C LEU A 171 41.87 -8.04 -22.98
N VAL A 172 42.96 -7.27 -22.88
CA VAL A 172 43.02 -6.16 -21.95
C VAL A 172 42.67 -4.82 -22.58
N HIS A 173 42.18 -4.80 -23.81
CA HIS A 173 41.75 -3.55 -24.44
C HIS A 173 40.50 -3.02 -23.78
N SER A 174 40.35 -1.70 -23.78
CA SER A 174 39.05 -1.11 -23.47
C SER A 174 38.15 -1.14 -24.69
N LEU A 175 38.77 -1.19 -25.88
CA LEU A 175 38.00 -1.26 -27.12
C LEU A 175 37.32 -2.62 -27.24
N PHE A 176 37.96 -3.66 -26.71
CA PHE A 176 37.37 -5.00 -26.73
C PHE A 176 36.15 -5.08 -25.83
N ASN A 177 36.23 -4.50 -24.63
CA ASN A 177 35.09 -4.46 -23.73
C ASN A 177 33.98 -3.59 -24.29
N MET A 178 34.35 -2.52 -25.02
CA MET A 178 33.32 -1.70 -25.66
C MET A 178 32.64 -2.46 -26.80
N LEU A 179 33.38 -3.33 -27.49
CA LEU A 179 32.79 -4.14 -28.54
C LEU A 179 31.84 -5.17 -27.97
N ILE A 180 32.20 -5.80 -26.86
CA ILE A 180 31.30 -6.77 -26.23
C ILE A 180 30.07 -6.08 -25.67
N MET A 181 30.23 -4.87 -25.13
CA MET A 181 29.08 -4.05 -24.72
C MET A 181 28.14 -3.75 -25.88
N CYS A 182 28.70 -3.38 -27.04
CA CYS A 182 27.86 -3.07 -28.19
C CYS A 182 27.14 -4.31 -28.72
N THR A 183 27.82 -5.45 -28.68
CA THR A 183 27.20 -6.69 -29.14
C THR A 183 26.08 -7.14 -28.19
N ILE A 184 26.31 -7.05 -26.88
CA ILE A 184 25.28 -7.41 -25.91
C ILE A 184 24.08 -6.50 -26.02
N LEU A 185 24.31 -5.20 -26.20
CA LEU A 185 23.20 -4.27 -26.28
C LEU A 185 22.41 -4.41 -27.58
N THR A 186 23.11 -4.73 -28.69
CA THR A 186 22.39 -4.96 -29.94
C THR A 186 21.56 -6.25 -29.85
N ASN A 187 22.09 -7.27 -29.18
CA ASN A 187 21.32 -8.51 -29.02
C ASN A 187 20.17 -8.31 -28.05
N CYS A 188 20.31 -7.38 -27.10
CA CYS A 188 19.19 -7.02 -26.23
C CYS A 188 18.10 -6.35 -27.04
N VAL A 189 18.48 -5.53 -28.02
CA VAL A 189 17.48 -4.92 -28.89
C VAL A 189 16.83 -5.97 -29.79
N PHE A 190 17.58 -6.97 -30.25
CA PHE A 190 16.99 -7.98 -31.13
C PHE A 190 16.16 -9.02 -30.39
N MET A 191 16.51 -9.42 -29.18
CA MET A 191 15.73 -10.43 -28.47
C MET A 191 14.39 -9.90 -27.99
N ALA A 192 14.21 -8.59 -27.92
CA ALA A 192 12.99 -8.01 -27.44
C ALA A 192 11.97 -7.76 -28.55
N GLN A 193 12.04 -8.47 -29.66
CA GLN A 193 10.97 -8.50 -30.65
C GLN A 193 10.21 -9.81 -30.51
N HIS A 194 8.88 -9.73 -30.58
CA HIS A 194 8.05 -10.91 -30.43
C HIS A 194 7.95 -11.70 -31.72
N ASP A 195 7.94 -11.01 -32.86
CA ASP A 195 7.79 -11.67 -34.15
C ASP A 195 9.01 -11.42 -35.01
N PRO A 196 9.98 -12.32 -35.01
CA PRO A 196 11.17 -12.10 -35.83
C PRO A 196 10.94 -12.56 -37.26
N PRO A 197 11.29 -11.73 -38.24
CA PRO A 197 11.20 -12.16 -39.63
C PRO A 197 12.39 -13.03 -39.98
N PRO A 198 12.39 -13.69 -41.15
CA PRO A 198 13.54 -14.54 -41.51
C PRO A 198 14.80 -13.78 -41.95
N TRP A 199 14.92 -12.49 -41.65
CA TRP A 199 16.20 -11.80 -41.81
C TRP A 199 17.15 -12.04 -40.65
N THR A 200 16.89 -13.04 -39.80
CA THR A 200 17.77 -13.29 -38.68
C THR A 200 18.77 -14.40 -38.97
N LYS A 201 18.92 -14.76 -40.25
CA LYS A 201 20.01 -15.65 -40.64
C LYS A 201 21.33 -14.90 -40.52
N TYR A 202 21.30 -13.59 -40.74
CA TYR A 202 22.46 -12.74 -40.68
C TYR A 202 22.86 -12.53 -39.22
N VAL A 203 21.98 -11.85 -38.48
CA VAL A 203 22.33 -11.26 -37.19
C VAL A 203 22.57 -12.30 -36.12
N GLU A 204 21.80 -13.39 -36.12
CA GLU A 204 21.97 -14.41 -35.08
C GLU A 204 23.28 -15.18 -35.28
N TYR A 205 23.66 -15.40 -36.54
CA TYR A 205 24.93 -16.03 -36.82
C TYR A 205 26.09 -15.10 -36.49
N THR A 206 25.94 -13.79 -36.73
CA THR A 206 27.00 -12.88 -36.34
C THR A 206 27.13 -12.77 -34.83
N PHE A 207 26.01 -12.84 -34.09
CA PHE A 207 26.11 -12.81 -32.64
C PHE A 207 26.76 -14.08 -32.10
N THR A 208 26.42 -15.23 -32.65
CA THR A 208 27.06 -16.43 -32.16
C THR A 208 28.48 -16.59 -32.67
N ALA A 209 28.90 -15.78 -33.65
CA ALA A 209 30.30 -15.68 -34.03
C ALA A 209 31.09 -14.78 -33.10
N ILE A 210 30.52 -13.63 -32.73
CA ILE A 210 31.20 -12.74 -31.78
C ILE A 210 31.30 -13.39 -30.42
N TYR A 211 30.28 -14.14 -30.01
CA TYR A 211 30.32 -14.80 -28.72
C TYR A 211 31.25 -16.00 -28.75
N THR A 212 31.51 -16.55 -29.93
CA THR A 212 32.57 -17.55 -30.08
C THR A 212 33.94 -16.90 -29.91
N PHE A 213 34.15 -15.78 -30.61
CA PHE A 213 35.43 -15.08 -30.62
C PHE A 213 35.81 -14.57 -29.22
N GLU A 214 34.80 -14.10 -28.48
CA GLU A 214 35.03 -13.60 -27.13
C GLU A 214 35.49 -14.70 -26.19
N SER A 215 34.86 -15.87 -26.26
CA SER A 215 35.25 -16.95 -25.37
C SER A 215 36.56 -17.60 -25.81
N LEU A 216 36.85 -17.60 -27.11
CA LEU A 216 38.13 -18.14 -27.58
C LEU A 216 39.30 -17.27 -27.11
N VAL A 217 39.11 -15.95 -27.13
CA VAL A 217 40.15 -15.04 -26.61
C VAL A 217 40.37 -15.28 -25.13
N LYS A 218 39.31 -15.61 -24.40
CA LYS A 218 39.46 -15.90 -22.98
C LYS A 218 40.19 -17.22 -22.74
N ILE A 219 39.80 -18.28 -23.46
CA ILE A 219 40.35 -19.60 -23.13
C ILE A 219 41.76 -19.77 -23.68
N LEU A 220 42.14 -18.99 -24.69
CA LEU A 220 43.53 -19.01 -25.14
C LEU A 220 44.45 -18.33 -24.13
N ALA A 221 43.93 -17.41 -23.35
CA ALA A 221 44.76 -16.74 -22.34
C ALA A 221 44.76 -17.54 -21.04
N ARG A 222 43.61 -18.09 -20.66
CA ARG A 222 43.44 -18.64 -19.33
C ARG A 222 43.05 -20.11 -19.33
N GLY A 223 43.71 -20.93 -20.12
CA GLY A 223 43.42 -22.35 -20.17
C GLY A 223 44.66 -23.18 -20.44
N PHE A 224 44.43 -24.46 -20.73
CA PHE A 224 45.50 -25.43 -20.85
C PHE A 224 44.90 -26.81 -20.61
N CYS A 225 44.21 -26.95 -19.47
CA CYS A 225 43.47 -28.17 -19.14
C CYS A 225 42.98 -28.23 -17.69
N LEU A 226 43.89 -28.10 -16.73
CA LEU A 226 43.52 -28.23 -15.32
C LEU A 226 43.31 -26.89 -14.62
N HIS A 227 42.36 -26.11 -15.13
CA HIS A 227 42.05 -24.82 -14.54
C HIS A 227 40.98 -24.94 -13.46
N ALA A 228 41.46 -25.18 -12.24
CA ALA A 228 40.67 -24.93 -11.03
C ALA A 228 41.07 -23.61 -10.38
N PHE A 229 42.05 -22.93 -10.97
CA PHE A 229 42.65 -21.77 -10.32
C PHE A 229 42.30 -20.46 -11.02
N THR A 230 42.04 -20.51 -12.33
CA THR A 230 41.75 -19.31 -13.11
C THR A 230 40.85 -19.69 -14.28
N PHE A 231 39.89 -18.80 -14.58
CA PHE A 231 38.81 -18.80 -15.58
C PHE A 231 37.63 -19.70 -15.24
N LEU A 232 37.77 -20.61 -14.29
CA LEU A 232 36.62 -21.47 -14.06
C LEU A 232 36.32 -21.59 -12.58
N ARG A 233 37.16 -21.01 -11.73
CA ARG A 233 36.72 -20.72 -10.38
C ARG A 233 36.05 -19.35 -10.34
N ASP A 234 36.07 -18.63 -11.44
CA ASP A 234 35.27 -17.41 -11.56
C ASP A 234 33.83 -17.76 -11.94
N PRO A 235 32.84 -17.30 -11.18
CA PRO A 235 31.47 -17.79 -11.42
C PRO A 235 30.77 -17.11 -12.58
N TRP A 236 31.20 -15.92 -12.95
CA TRP A 236 30.51 -15.26 -14.04
C TRP A 236 30.86 -15.82 -15.40
N ASN A 237 31.88 -16.67 -15.52
CA ASN A 237 32.20 -17.27 -16.79
C ASN A 237 31.42 -18.55 -17.07
N TRP A 238 30.77 -19.12 -16.05
CA TRP A 238 29.93 -20.29 -16.25
C TRP A 238 28.73 -19.96 -17.12
N LEU A 239 28.18 -18.76 -16.95
CA LEU A 239 27.10 -18.30 -17.80
C LEU A 239 27.57 -18.11 -19.24
N ASP A 240 28.77 -17.55 -19.41
CA ASP A 240 29.31 -17.32 -20.75
C ASP A 240 29.60 -18.64 -21.45
N PHE A 241 30.04 -19.63 -20.69
CA PHE A 241 30.29 -20.95 -21.25
C PHE A 241 28.98 -21.66 -21.56
N SER A 242 27.98 -21.48 -20.70
CA SER A 242 26.66 -22.06 -20.88
C SER A 242 25.97 -21.53 -22.14
N VAL A 243 26.13 -20.23 -22.41
CA VAL A 243 25.55 -19.59 -23.59
C VAL A 243 26.11 -20.18 -24.88
N ILE A 244 27.44 -20.30 -24.96
CA ILE A 244 28.04 -20.77 -26.21
C ILE A 244 27.80 -22.26 -26.38
N ILE A 245 27.77 -23.02 -25.28
CA ILE A 245 27.54 -24.46 -25.43
C ILE A 245 26.06 -24.68 -25.73
N MET A 246 25.21 -23.74 -25.32
CA MET A 246 23.79 -23.86 -25.60
C MET A 246 23.50 -23.55 -27.05
N ALA A 247 24.19 -22.53 -27.59
CA ALA A 247 24.06 -22.19 -29.01
C ALA A 247 24.61 -23.32 -29.88
N TYR A 248 25.72 -23.93 -29.46
CA TYR A 248 26.28 -25.03 -30.23
C TYR A 248 25.45 -26.31 -30.11
N THR A 249 24.75 -26.51 -29.01
CA THR A 249 23.94 -27.72 -28.91
C THR A 249 22.54 -27.48 -29.50
N THR A 250 22.19 -26.21 -29.77
CA THR A 250 20.90 -25.99 -30.40
C THR A 250 20.99 -25.74 -31.90
N GLU A 251 22.18 -25.48 -32.43
CA GLU A 251 22.26 -25.25 -33.87
C GLU A 251 22.48 -26.50 -34.69
N PHE A 252 22.67 -27.68 -34.08
CA PHE A 252 22.68 -28.87 -34.93
C PHE A 252 21.28 -29.37 -35.21
N VAL A 253 20.61 -29.92 -34.19
CA VAL A 253 19.31 -30.60 -34.30
C VAL A 253 18.61 -30.46 -32.96
N ASP A 254 17.34 -30.07 -32.96
CA ASP A 254 16.55 -29.96 -31.74
C ASP A 254 16.12 -31.34 -31.28
N LEU A 255 15.82 -31.45 -29.97
CA LEU A 255 15.38 -32.73 -29.43
C LEU A 255 13.91 -32.64 -29.06
N GLY A 256 13.53 -31.63 -28.30
CA GLY A 256 12.14 -31.39 -27.96
C GLY A 256 11.61 -30.11 -28.58
N ASN A 257 10.69 -30.23 -29.54
CA ASN A 257 10.23 -29.09 -30.32
C ASN A 257 9.03 -28.42 -29.64
N VAL A 258 9.27 -27.96 -28.41
CA VAL A 258 8.30 -27.08 -27.76
C VAL A 258 8.62 -25.62 -28.10
N SER A 259 9.84 -25.37 -28.60
CA SER A 259 10.37 -24.08 -29.03
C SER A 259 10.37 -23.01 -27.93
N ALA A 260 10.38 -23.47 -26.69
CA ALA A 260 10.60 -22.62 -25.52
C ALA A 260 12.08 -22.65 -25.14
N LEU A 261 12.88 -23.35 -25.94
CA LEU A 261 14.31 -23.52 -25.73
C LEU A 261 15.05 -22.19 -25.77
N ARG A 262 14.56 -21.29 -26.62
CA ARG A 262 15.23 -20.04 -26.95
C ARG A 262 15.46 -19.10 -25.77
N THR A 263 14.64 -19.24 -24.74
CA THR A 263 14.62 -18.31 -23.61
C THR A 263 15.95 -18.28 -22.84
N PHE A 264 16.58 -19.44 -22.73
CA PHE A 264 17.87 -19.55 -22.06
C PHE A 264 18.87 -18.67 -22.81
N ARG A 265 18.55 -18.40 -24.08
CA ARG A 265 19.35 -17.52 -24.92
C ARG A 265 19.40 -16.12 -24.29
N VAL A 266 18.35 -15.75 -23.56
CA VAL A 266 18.29 -14.43 -22.95
C VAL A 266 19.46 -14.24 -22.00
N LEU A 267 19.78 -15.28 -21.23
CA LEU A 267 20.99 -15.25 -20.40
C LEU A 267 22.13 -14.52 -21.10
N ARG A 268 21.99 -14.21 -22.39
CA ARG A 268 22.92 -13.30 -23.04
C ARG A 268 22.79 -11.90 -22.46
N ALA A 269 21.56 -11.49 -22.14
CA ALA A 269 21.32 -10.14 -21.64
C ALA A 269 21.81 -9.98 -20.21
N LEU A 270 22.01 -11.09 -19.50
CA LEU A 270 22.48 -11.00 -18.13
C LEU A 270 23.99 -10.91 -18.05
N LYS A 271 24.69 -11.23 -19.16
CA LYS A 271 26.15 -11.23 -19.18
C LYS A 271 26.74 -9.84 -18.99
N THR A 272 25.96 -8.79 -19.25
CA THR A 272 26.47 -7.43 -19.19
C THR A 272 26.74 -6.96 -17.77
N ILE A 273 26.34 -7.73 -16.76
CA ILE A 273 26.70 -7.38 -15.38
C ILE A 273 28.19 -7.57 -15.15
N SER A 274 28.81 -8.50 -15.85
CA SER A 274 30.24 -8.73 -15.73
C SER A 274 31.05 -7.86 -16.68
N VAL A 275 30.41 -6.98 -17.46
CA VAL A 275 31.09 -6.33 -18.58
C VAL A 275 31.18 -4.82 -18.38
N ILE A 276 30.17 -4.23 -17.74
CA ILE A 276 30.05 -2.76 -17.73
C ILE A 276 31.06 -2.13 -16.77
N SER A 277 30.91 -2.41 -15.48
CA SER A 277 31.57 -1.61 -14.45
C SER A 277 31.62 -2.39 -13.16
N GLY A 278 31.69 -1.67 -12.02
CA GLY A 278 31.52 -2.30 -10.73
C GLY A 278 30.09 -2.70 -10.38
N LEU A 279 29.23 -2.93 -11.40
CA LEU A 279 27.97 -3.64 -11.24
C LEU A 279 28.13 -5.01 -10.61
N LYS A 280 29.28 -5.65 -10.81
CA LYS A 280 29.64 -6.88 -10.15
C LYS A 280 29.70 -6.75 -8.63
N THR A 281 29.90 -5.55 -8.11
CA THR A 281 29.87 -5.33 -6.67
C THR A 281 28.46 -5.09 -6.15
N ILE A 282 27.58 -4.50 -6.96
CA ILE A 282 26.20 -4.24 -6.54
C ILE A 282 25.44 -5.53 -6.34
N VAL A 283 25.62 -6.50 -7.26
CA VAL A 283 24.95 -7.78 -7.13
C VAL A 283 25.47 -8.53 -5.92
N GLY A 284 26.75 -8.39 -5.62
CA GLY A 284 27.29 -8.97 -4.40
C GLY A 284 26.72 -8.35 -3.14
N ALA A 285 26.46 -7.05 -3.18
CA ALA A 285 25.85 -6.39 -2.02
C ALA A 285 24.40 -6.81 -1.82
N LEU A 286 23.66 -6.97 -2.93
CA LEU A 286 22.29 -7.45 -2.84
C LEU A 286 22.22 -8.88 -2.28
N ILE A 287 23.17 -9.72 -2.70
CA ILE A 287 23.22 -11.08 -2.19
C ILE A 287 23.64 -11.08 -0.72
N GLN A 288 24.49 -10.13 -0.33
CA GLN A 288 24.82 -9.97 1.09
C GLN A 288 23.61 -9.58 1.93
N SER A 289 22.73 -8.73 1.40
CA SER A 289 21.56 -8.32 2.18
C SER A 289 20.53 -9.45 2.29
N VAL A 290 20.30 -10.18 1.20
CA VAL A 290 19.39 -11.33 1.23
C VAL A 290 19.91 -12.41 2.18
N LYS A 291 21.23 -12.63 2.17
CA LYS A 291 21.88 -13.50 3.15
C LYS A 291 21.72 -12.95 4.56
N LYS A 292 21.63 -11.63 4.70
CA LYS A 292 21.56 -11.03 6.02
C LYS A 292 20.16 -11.18 6.64
N LEU A 293 19.12 -11.31 5.80
CA LEU A 293 17.75 -11.42 6.34
C LEU A 293 17.54 -12.64 7.23
N ALA A 294 17.38 -13.82 6.62
CA ALA A 294 17.69 -15.13 7.20
C ALA A 294 16.95 -15.57 8.46
N ASP A 295 16.24 -14.66 9.14
CA ASP A 295 15.45 -14.99 10.31
C ASP A 295 14.06 -14.39 10.19
N VAL A 296 14.00 -13.21 9.56
CA VAL A 296 12.74 -12.57 9.24
C VAL A 296 11.95 -13.43 8.27
N MET A 297 12.65 -14.15 7.39
CA MET A 297 11.96 -15.02 6.45
C MET A 297 11.34 -16.22 7.14
N VAL A 298 12.05 -16.82 8.10
CA VAL A 298 11.51 -18.02 8.75
C VAL A 298 10.40 -17.64 9.73
N LEU A 299 10.48 -16.43 10.31
CA LEU A 299 9.36 -16.02 11.15
C LEU A 299 8.18 -15.56 10.31
N THR A 300 8.44 -15.04 9.10
CA THR A 300 7.37 -14.73 8.18
C THR A 300 6.60 -15.97 7.77
N VAL A 301 7.33 -17.04 7.44
CA VAL A 301 6.63 -18.26 7.03
C VAL A 301 6.00 -18.94 8.24
N PHE A 302 6.54 -18.71 9.44
CA PHE A 302 5.94 -19.22 10.68
C PHE A 302 4.60 -18.53 10.98
N CYS A 303 4.58 -17.20 10.94
CA CYS A 303 3.36 -16.47 11.24
C CYS A 303 2.31 -16.65 10.16
N LEU A 304 2.74 -16.73 8.90
CA LEU A 304 1.82 -17.08 7.83
C LEU A 304 1.28 -18.49 8.00
N SER A 305 2.09 -19.41 8.52
CA SER A 305 1.61 -20.77 8.81
C SER A 305 0.55 -20.77 9.92
N VAL A 306 0.83 -20.07 11.03
CA VAL A 306 -0.10 -20.08 12.17
C VAL A 306 -1.40 -19.37 11.80
N PHE A 307 -1.30 -18.26 11.10
CA PHE A 307 -2.50 -17.52 10.73
C PHE A 307 -3.26 -18.25 9.63
N ALA A 308 -2.56 -19.02 8.80
CA ALA A 308 -3.26 -19.83 7.80
C ALA A 308 -4.03 -20.96 8.47
N LEU A 309 -3.48 -21.52 9.56
CA LEU A 309 -4.22 -22.57 10.26
C LEU A 309 -5.39 -22.02 11.04
N ILE A 310 -5.27 -20.78 11.57
CA ILE A 310 -6.42 -20.11 12.15
C ILE A 310 -7.49 -19.86 11.10
N GLY A 311 -7.06 -19.45 9.90
CA GLY A 311 -8.00 -19.21 8.83
C GLY A 311 -8.67 -20.49 8.33
N LEU A 312 -7.99 -21.62 8.45
CA LEU A 312 -8.61 -22.90 8.13
C LEU A 312 -9.62 -23.32 9.18
N GLN A 313 -9.23 -23.33 10.46
CA GLN A 313 -10.14 -23.77 11.50
C GLN A 313 -11.28 -22.78 11.75
N LEU A 314 -11.24 -21.59 11.15
CA LEU A 314 -12.38 -20.68 11.19
C LEU A 314 -13.17 -20.59 9.89
N PHE A 315 -12.51 -20.74 8.75
CA PHE A 315 -13.09 -20.34 7.47
C PHE A 315 -13.10 -21.44 6.43
N MET A 316 -13.04 -22.71 6.84
CA MET A 316 -12.92 -23.83 5.92
C MET A 316 -14.18 -24.02 5.10
N GLY A 317 -14.07 -23.81 3.79
CA GLY A 317 -15.20 -24.02 2.91
C GLY A 317 -16.20 -22.90 3.02
N ASN A 318 -15.83 -21.84 3.73
CA ASN A 318 -16.76 -20.82 4.20
C ASN A 318 -16.72 -19.67 3.22
N LEU A 319 -16.42 -19.97 1.96
CA LEU A 319 -16.26 -18.91 0.98
C LEU A 319 -16.78 -19.38 -0.37
N ARG A 320 -17.36 -20.57 -0.42
CA ARG A 320 -17.97 -21.06 -1.64
C ARG A 320 -19.46 -20.76 -1.73
N HIS A 321 -20.00 -19.98 -0.77
CA HIS A 321 -21.44 -19.81 -0.64
C HIS A 321 -22.02 -18.97 -1.76
N LYS A 322 -22.80 -19.60 -2.62
CA LYS A 322 -23.52 -18.90 -3.66
C LYS A 322 -24.89 -18.57 -3.11
N CYS A 323 -25.60 -17.65 -3.75
CA CYS A 323 -26.96 -17.34 -3.32
C CYS A 323 -27.87 -17.87 -4.41
N VAL A 324 -28.06 -19.19 -4.37
CA VAL A 324 -28.82 -19.95 -5.36
C VAL A 324 -30.32 -19.78 -5.27
N ARG A 325 -31.01 -19.99 -6.39
CA ARG A 325 -32.47 -19.93 -6.46
C ARG A 325 -33.14 -21.14 -5.80
N ASN A 326 -34.36 -20.95 -5.31
CA ASN A 326 -35.12 -22.01 -4.66
C ASN A 326 -35.49 -23.16 -5.61
N PHE A 327 -35.57 -24.37 -5.05
CA PHE A 327 -35.81 -25.57 -5.82
C PHE A 327 -36.78 -26.46 -5.05
N THR A 328 -37.15 -27.59 -5.65
CA THR A 328 -37.99 -28.58 -4.98
C THR A 328 -37.66 -29.96 -5.52
N ALA A 329 -37.88 -30.99 -4.71
CA ALA A 329 -37.43 -32.34 -5.05
C ALA A 329 -38.39 -33.04 -6.01
N LEU A 330 -39.60 -32.49 -6.11
CA LEU A 330 -40.60 -32.70 -7.15
C LEU A 330 -41.34 -34.04 -7.09
N ASN A 331 -40.83 -34.99 -6.29
CA ASN A 331 -41.56 -36.22 -5.89
C ASN A 331 -42.07 -37.01 -7.11
N GLY A 332 -41.21 -37.14 -8.12
CA GLY A 332 -41.68 -37.78 -9.34
C GLY A 332 -40.66 -38.64 -10.05
N THR A 333 -39.46 -38.71 -9.48
CA THR A 333 -38.38 -39.50 -10.05
C THR A 333 -37.47 -40.06 -8.97
N ASN A 334 -36.82 -41.19 -9.27
CA ASN A 334 -35.81 -41.72 -8.38
C ASN A 334 -34.52 -41.01 -8.74
N GLY A 335 -34.03 -40.20 -7.82
CA GLY A 335 -32.95 -39.29 -8.09
C GLY A 335 -33.31 -37.97 -7.48
N SER A 336 -32.70 -36.89 -7.97
CA SER A 336 -32.98 -35.57 -7.43
C SER A 336 -33.34 -34.57 -8.52
N VAL A 337 -34.57 -34.64 -9.02
CA VAL A 337 -35.04 -33.66 -9.98
C VAL A 337 -35.19 -32.31 -9.28
N GLU A 338 -34.81 -31.24 -9.98
CA GLU A 338 -34.89 -29.89 -9.43
C GLU A 338 -35.79 -29.02 -10.28
N ALA A 339 -36.69 -28.28 -9.64
CA ALA A 339 -37.56 -27.38 -10.38
C ALA A 339 -37.20 -25.91 -10.15
N ASP A 340 -36.84 -25.24 -11.23
CA ASP A 340 -36.65 -23.79 -11.26
C ASP A 340 -37.70 -23.17 -12.16
N GLY A 341 -38.76 -23.93 -12.41
CA GLY A 341 -39.71 -23.65 -13.48
C GLY A 341 -39.31 -24.41 -14.73
N LEU A 342 -38.18 -25.10 -14.66
CA LEU A 342 -37.77 -26.08 -15.66
C LEU A 342 -37.16 -27.27 -14.94
N VAL A 343 -37.29 -28.46 -15.52
CA VAL A 343 -36.77 -29.67 -14.89
C VAL A 343 -35.25 -29.67 -14.79
N TRP A 344 -34.72 -30.16 -13.68
CA TRP A 344 -33.27 -30.24 -13.52
C TRP A 344 -32.87 -31.57 -12.92
N GLU A 345 -31.85 -32.23 -13.47
CA GLU A 345 -31.55 -33.58 -12.99
C GLU A 345 -30.48 -33.58 -11.89
N SER A 346 -30.88 -34.03 -10.71
CA SER A 346 -30.00 -34.24 -9.57
C SER A 346 -29.77 -32.92 -8.87
N LEU A 347 -29.55 -32.95 -7.56
CA LEU A 347 -29.19 -31.74 -6.84
C LEU A 347 -27.82 -31.24 -7.27
N ASP A 348 -26.88 -32.17 -7.41
CA ASP A 348 -25.49 -31.84 -7.67
C ASP A 348 -25.26 -31.13 -8.99
N LEU A 349 -25.96 -31.56 -10.04
CA LEU A 349 -25.85 -30.89 -11.33
C LEU A 349 -26.64 -29.59 -11.34
N TYR A 350 -27.67 -29.47 -10.50
CA TYR A 350 -28.41 -28.21 -10.44
C TYR A 350 -27.58 -27.12 -9.81
N LEU A 351 -26.76 -27.48 -8.82
CA LEU A 351 -26.04 -26.48 -8.08
C LEU A 351 -24.73 -26.08 -8.75
N SER A 352 -24.55 -26.53 -9.98
CA SER A 352 -23.26 -26.39 -10.68
C SER A 352 -23.36 -25.55 -11.95
N ASP A 353 -24.54 -25.03 -12.22
CA ASP A 353 -24.79 -24.34 -13.47
C ASP A 353 -24.92 -22.85 -13.18
N PRO A 354 -24.24 -22.02 -13.94
CA PRO A 354 -24.34 -20.59 -13.66
C PRO A 354 -25.59 -20.08 -14.33
N GLU A 355 -26.72 -20.61 -13.87
CA GLU A 355 -28.01 -20.12 -14.32
C GLU A 355 -28.89 -19.91 -13.10
N ASN A 356 -28.33 -20.19 -11.93
CA ASN A 356 -29.10 -20.10 -10.70
C ASN A 356 -28.47 -19.09 -9.76
N TYR A 357 -27.40 -18.44 -10.17
CA TYR A 357 -26.65 -17.63 -9.23
C TYR A 357 -27.08 -16.18 -9.32
N LEU A 358 -26.52 -15.37 -8.44
CA LEU A 358 -26.73 -13.92 -8.45
C LEU A 358 -25.49 -13.19 -8.88
N LEU A 359 -25.65 -12.33 -9.87
CA LEU A 359 -24.65 -11.32 -10.15
C LEU A 359 -24.87 -10.20 -9.15
N LYS A 360 -23.78 -9.66 -8.59
CA LYS A 360 -23.89 -8.46 -7.77
C LYS A 360 -24.33 -7.28 -8.61
N ASN A 361 -24.83 -6.23 -7.98
CA ASN A 361 -25.26 -5.07 -8.74
C ASN A 361 -24.06 -4.33 -9.33
N GLY A 362 -24.15 -4.04 -10.62
CA GLY A 362 -23.11 -3.28 -11.29
C GLY A 362 -22.01 -4.14 -11.86
N THR A 363 -21.48 -5.04 -11.04
CA THR A 363 -20.34 -5.86 -11.43
C THR A 363 -20.84 -7.11 -12.17
N SER A 364 -19.94 -8.07 -12.34
CA SER A 364 -20.29 -9.39 -12.81
C SER A 364 -19.71 -10.48 -11.93
N ASP A 365 -19.50 -10.23 -10.64
CA ASP A 365 -19.11 -11.26 -9.70
C ASP A 365 -20.30 -12.12 -9.31
N VAL A 366 -20.12 -13.01 -8.35
CA VAL A 366 -21.22 -13.82 -7.86
C VAL A 366 -21.49 -13.34 -6.45
N LEU A 367 -22.75 -13.38 -6.02
CA LEU A 367 -23.10 -12.80 -4.73
C LEU A 367 -22.88 -13.85 -3.65
N LEU A 368 -22.44 -13.45 -2.48
CA LEU A 368 -22.14 -14.37 -1.39
C LEU A 368 -23.12 -14.15 -0.23
N CYS A 369 -23.40 -15.21 0.51
CA CYS A 369 -24.43 -15.15 1.52
C CYS A 369 -24.00 -16.00 2.71
N GLY A 370 -24.90 -16.17 3.68
CA GLY A 370 -24.61 -16.96 4.85
C GLY A 370 -25.77 -17.11 5.82
N ASN A 371 -25.81 -18.21 6.58
CA ASN A 371 -26.92 -18.43 7.51
C ASN A 371 -26.79 -17.57 8.77
N SER A 372 -25.66 -16.90 8.97
CA SER A 372 -25.49 -16.08 10.16
C SER A 372 -26.38 -14.85 10.13
N SER A 373 -26.62 -14.26 11.30
CA SER A 373 -27.42 -13.03 11.36
C SER A 373 -26.65 -11.82 10.90
N ASP A 374 -25.31 -11.85 10.98
CA ASP A 374 -24.52 -10.68 10.62
C ASP A 374 -24.26 -10.63 9.14
N ALA A 375 -24.25 -11.78 8.48
CA ALA A 375 -23.72 -11.89 7.13
C ALA A 375 -24.68 -11.34 6.09
N GLY A 376 -24.25 -11.40 4.83
CA GLY A 376 -25.04 -10.89 3.73
C GLY A 376 -26.29 -11.70 3.54
N THR A 377 -27.35 -11.05 3.07
CA THR A 377 -28.67 -11.69 3.03
C THR A 377 -29.06 -11.96 1.60
N CYS A 378 -29.69 -13.09 1.39
CA CYS A 378 -30.33 -13.41 0.14
C CYS A 378 -31.48 -12.46 -0.13
N PRO A 379 -31.80 -12.19 -1.38
CA PRO A 379 -33.02 -11.44 -1.71
C PRO A 379 -34.28 -12.27 -1.52
N GLU A 380 -35.43 -11.73 -1.96
CA GLU A 380 -36.72 -12.26 -1.53
C GLU A 380 -37.09 -13.59 -2.15
N GLY A 381 -36.30 -14.16 -3.06
CA GLY A 381 -36.68 -15.45 -3.60
C GLY A 381 -35.58 -16.49 -3.73
N TYR A 382 -34.39 -16.21 -3.20
CA TYR A 382 -33.23 -17.05 -3.46
C TYR A 382 -32.68 -17.57 -2.14
N ARG A 383 -31.92 -18.65 -2.21
CA ARG A 383 -31.53 -19.41 -1.03
C ARG A 383 -30.01 -19.40 -0.86
N CYS A 384 -29.57 -19.35 0.40
CA CYS A 384 -28.17 -19.17 0.74
C CYS A 384 -27.57 -20.53 1.10
N LEU A 385 -26.81 -21.15 0.18
CA LEU A 385 -26.21 -22.45 0.48
C LEU A 385 -24.89 -22.65 -0.25
N LYS A 386 -24.15 -23.68 0.17
CA LYS A 386 -22.72 -23.83 -0.08
C LYS A 386 -22.50 -24.77 -1.25
N ALA A 387 -22.59 -24.25 -2.47
CA ALA A 387 -22.45 -25.11 -3.64
C ALA A 387 -22.11 -24.32 -4.90
N GLY A 388 -20.91 -24.51 -5.43
CA GLY A 388 -20.54 -23.86 -6.66
C GLY A 388 -19.12 -24.16 -7.02
N GLU A 389 -18.58 -23.40 -7.97
CA GLU A 389 -17.16 -23.57 -8.26
C GLU A 389 -16.33 -22.80 -7.25
N ASN A 390 -16.21 -21.46 -7.42
CA ASN A 390 -15.33 -20.63 -6.60
C ASN A 390 -15.40 -19.16 -7.03
N PRO A 391 -14.71 -18.32 -6.25
CA PRO A 391 -14.68 -16.87 -6.46
C PRO A 391 -13.43 -16.39 -7.20
N ASP A 392 -13.58 -15.34 -8.00
CA ASP A 392 -12.47 -14.74 -8.76
C ASP A 392 -12.07 -15.52 -10.03
N HIS A 393 -11.63 -16.76 -9.85
CA HIS A 393 -11.48 -17.70 -10.94
C HIS A 393 -11.26 -19.12 -10.45
N GLY A 394 -11.30 -19.30 -9.14
CA GLY A 394 -10.95 -20.57 -8.57
C GLY A 394 -9.75 -20.52 -7.66
N TYR A 395 -9.15 -19.34 -7.49
CA TYR A 395 -7.85 -19.28 -6.82
C TYR A 395 -7.93 -18.57 -5.49
N THR A 396 -9.12 -18.41 -4.93
CA THR A 396 -9.28 -17.57 -3.74
C THR A 396 -10.02 -18.28 -2.61
N SER A 397 -10.27 -19.58 -2.71
CA SER A 397 -10.91 -20.30 -1.61
C SER A 397 -9.98 -20.38 -0.40
N PHE A 398 -10.59 -20.57 0.76
CA PHE A 398 -9.85 -20.51 1.99
C PHE A 398 -9.67 -21.88 2.63
N ASP A 399 -10.22 -22.92 2.02
CA ASP A 399 -9.89 -24.30 2.36
C ASP A 399 -8.58 -24.65 1.69
N SER A 400 -8.09 -25.89 1.88
CA SER A 400 -6.98 -26.46 1.12
C SER A 400 -5.70 -25.64 1.29
N PHE A 401 -5.05 -25.85 2.44
CA PHE A 401 -3.95 -25.09 3.03
C PHE A 401 -2.91 -24.50 2.07
N ALA A 402 -2.70 -25.12 0.91
CA ALA A 402 -2.00 -24.46 -0.18
C ALA A 402 -2.67 -23.15 -0.56
N TRP A 403 -3.99 -23.11 -0.61
CA TRP A 403 -4.65 -21.88 -1.00
C TRP A 403 -4.74 -20.90 0.16
N ALA A 404 -4.81 -21.40 1.39
CA ALA A 404 -4.84 -20.52 2.55
C ALA A 404 -3.51 -19.80 2.71
N PHE A 405 -2.41 -20.47 2.33
CA PHE A 405 -1.11 -19.81 2.42
C PHE A 405 -1.00 -18.70 1.38
N LEU A 406 -1.55 -18.92 0.19
CA LEU A 406 -1.56 -17.87 -0.84
C LEU A 406 -2.47 -16.72 -0.46
N ALA A 407 -3.65 -17.03 0.09
CA ALA A 407 -4.59 -15.97 0.45
C ALA A 407 -4.05 -15.13 1.59
N LEU A 408 -3.38 -15.76 2.55
CA LEU A 408 -2.88 -14.96 3.65
C LEU A 408 -1.56 -14.32 3.28
N PHE A 409 -0.89 -14.81 2.24
CA PHE A 409 0.29 -14.11 1.72
C PHE A 409 -0.10 -12.85 0.96
N ARG A 410 -1.16 -12.90 0.15
CA ARG A 410 -1.60 -11.68 -0.52
C ARG A 410 -2.21 -10.72 0.49
N LEU A 411 -2.71 -11.27 1.59
CA LEU A 411 -3.14 -10.48 2.72
C LEU A 411 -1.95 -9.75 3.31
N MET A 412 -0.81 -10.42 3.38
CA MET A 412 0.37 -9.87 4.04
C MET A 412 0.98 -8.74 3.23
N THR A 413 0.94 -8.83 1.90
CA THR A 413 1.49 -7.77 1.06
C THR A 413 0.41 -6.78 0.65
N GLN A 414 -0.78 -6.96 1.21
CA GLN A 414 -1.89 -6.03 1.01
C GLN A 414 -2.25 -5.79 -0.44
N ASP A 415 -2.28 -6.85 -1.25
CA ASP A 415 -2.74 -6.70 -2.62
C ASP A 415 -4.21 -7.07 -2.70
N CYS A 416 -5.07 -6.07 -2.94
CA CYS A 416 -6.49 -6.22 -3.23
C CYS A 416 -7.24 -6.93 -2.11
N TRP A 417 -6.81 -6.75 -0.86
CA TRP A 417 -7.32 -7.57 0.23
C TRP A 417 -8.67 -7.07 0.72
N GLU A 418 -8.98 -5.83 0.37
CA GLU A 418 -10.33 -5.30 0.42
C GLU A 418 -11.33 -6.24 -0.26
N ARG A 419 -10.96 -6.78 -1.41
CA ARG A 419 -11.78 -7.73 -2.12
C ARG A 419 -11.77 -9.08 -1.43
N LEU A 420 -10.70 -9.42 -0.72
CA LEU A 420 -10.65 -10.67 0.03
C LEU A 420 -11.64 -10.65 1.19
N TYR A 421 -11.75 -9.52 1.88
CA TYR A 421 -12.59 -9.58 3.06
C TYR A 421 -13.91 -8.83 2.89
N GLN A 422 -14.13 -8.21 1.74
CA GLN A 422 -15.48 -7.85 1.32
C GLN A 422 -16.17 -9.05 0.66
N GLN A 423 -15.47 -10.19 0.59
CA GLN A 423 -16.06 -11.48 0.29
C GLN A 423 -16.04 -12.44 1.47
N THR A 424 -15.17 -12.20 2.45
CA THR A 424 -15.13 -13.05 3.62
C THR A 424 -16.22 -12.67 4.62
N LEU A 425 -16.33 -11.38 4.93
CA LEU A 425 -17.32 -10.94 5.91
C LEU A 425 -18.72 -11.03 5.38
N ARG A 426 -18.90 -11.03 4.06
CA ARG A 426 -20.22 -11.24 3.51
C ARG A 426 -20.73 -12.66 3.76
N SER A 427 -19.86 -13.64 3.86
CA SER A 427 -20.29 -15.01 4.08
C SER A 427 -20.13 -15.46 5.53
N ALA A 428 -19.07 -15.06 6.21
CA ALA A 428 -18.78 -15.57 7.53
C ALA A 428 -19.42 -14.77 8.65
N GLY A 429 -19.93 -13.59 8.36
CA GLY A 429 -20.49 -12.72 9.36
C GLY A 429 -19.57 -11.56 9.66
N LYS A 430 -20.15 -10.44 10.07
CA LYS A 430 -19.34 -9.25 10.24
C LYS A 430 -18.52 -9.25 11.50
N ILE A 431 -18.71 -10.21 12.41
CA ILE A 431 -17.91 -10.20 13.63
C ILE A 431 -16.47 -10.66 13.36
N TYR A 432 -16.21 -11.29 12.23
CA TYR A 432 -14.87 -11.78 11.93
C TYR A 432 -13.94 -10.73 11.38
N MET A 433 -14.23 -9.45 11.58
CA MET A 433 -13.24 -8.46 11.19
C MET A 433 -12.24 -8.28 12.33
N ILE A 434 -12.49 -8.92 13.47
CA ILE A 434 -11.47 -8.99 14.51
C ILE A 434 -10.26 -9.79 14.05
N PHE A 435 -10.47 -10.81 13.21
CA PHE A 435 -9.35 -11.55 12.65
C PHE A 435 -8.53 -10.68 11.70
N PHE A 436 -9.20 -9.85 10.90
CA PHE A 436 -8.46 -9.00 9.97
C PHE A 436 -7.79 -7.85 10.70
N MET A 437 -8.38 -7.40 11.80
CA MET A 437 -7.71 -6.42 12.65
C MET A 437 -6.49 -7.02 13.34
N LEU A 438 -6.47 -8.33 13.53
CA LEU A 438 -5.25 -8.96 14.03
C LEU A 438 -4.19 -9.14 12.98
N VAL A 439 -4.55 -9.61 11.78
CA VAL A 439 -3.51 -9.89 10.80
C VAL A 439 -3.03 -8.64 10.07
N ILE A 440 -3.89 -7.64 9.80
CA ILE A 440 -3.40 -6.39 9.24
C ILE A 440 -2.50 -5.63 10.23
N PHE A 441 -2.78 -5.69 11.52
CA PHE A 441 -1.96 -4.99 12.50
C PHE A 441 -0.86 -5.83 13.11
N LEU A 442 -0.74 -7.11 12.80
CA LEU A 442 0.42 -7.86 13.25
C LEU A 442 1.16 -8.57 12.13
N GLY A 443 0.45 -9.13 11.16
CA GLY A 443 1.11 -9.69 10.02
C GLY A 443 1.63 -8.60 9.12
N SER A 444 0.73 -7.87 8.45
CA SER A 444 1.14 -6.91 7.43
C SER A 444 1.97 -5.76 7.99
N PHE A 445 1.35 -4.92 8.82
CA PHE A 445 2.00 -3.72 9.33
C PHE A 445 3.25 -3.99 10.16
N TYR A 446 3.39 -5.18 10.74
CA TYR A 446 4.59 -5.44 11.53
C TYR A 446 5.65 -6.20 10.74
N LEU A 447 5.29 -7.30 10.09
CA LEU A 447 6.27 -8.08 9.33
C LEU A 447 6.80 -7.33 8.13
N VAL A 448 5.95 -6.57 7.45
CA VAL A 448 6.41 -5.70 6.37
C VAL A 448 7.32 -4.61 6.90
N ASN A 449 6.97 -4.03 8.04
CA ASN A 449 7.79 -3.01 8.68
C ASN A 449 8.89 -3.60 9.56
N LEU A 450 9.16 -4.89 9.44
CA LEU A 450 10.33 -5.45 10.10
C LEU A 450 11.36 -5.92 9.08
N ILE A 451 10.92 -6.27 7.87
CA ILE A 451 11.78 -6.50 6.72
C ILE A 451 12.60 -5.24 6.46
N LEU A 452 11.90 -4.09 6.44
CA LEU A 452 12.53 -2.83 6.10
C LEU A 452 13.58 -2.43 7.12
N ALA A 453 13.33 -2.72 8.39
CA ALA A 453 14.28 -2.38 9.45
C ALA A 453 15.56 -3.20 9.33
N VAL A 454 15.45 -4.49 9.03
CA VAL A 454 16.64 -5.34 8.94
C VAL A 454 17.41 -5.03 7.66
N VAL A 455 16.69 -4.75 6.56
CA VAL A 455 17.35 -4.37 5.31
C VAL A 455 18.05 -3.03 5.45
N ALA A 456 17.42 -2.10 6.15
CA ALA A 456 18.02 -0.78 6.38
C ALA A 456 19.22 -0.87 7.29
N MET A 457 19.14 -1.69 8.33
CA MET A 457 20.26 -1.86 9.25
C MET A 457 21.41 -2.58 8.57
N ALA A 458 21.10 -3.53 7.69
CA ALA A 458 22.14 -4.23 6.93
C ALA A 458 22.84 -3.30 5.97
N TYR A 459 22.08 -2.46 5.27
CA TYR A 459 22.65 -1.51 4.34
C TYR A 459 23.50 -0.50 5.08
N GLU A 460 23.01 -0.02 6.22
CA GLU A 460 23.76 0.98 6.98
C GLU A 460 25.03 0.39 7.56
N GLU A 461 24.99 -0.90 7.93
CA GLU A 461 26.17 -1.58 8.43
C GLU A 461 27.23 -1.75 7.35
N GLN A 462 26.83 -2.22 6.16
CA GLN A 462 27.80 -2.44 5.11
C GLN A 462 28.31 -1.11 4.55
N ASN A 463 27.46 -0.08 4.57
CA ASN A 463 27.87 1.24 4.09
C ASN A 463 28.86 1.85 5.07
N GLN A 464 28.63 1.65 6.36
CA GLN A 464 29.55 2.13 7.37
C GLN A 464 30.89 1.42 7.27
N ALA A 465 30.86 0.12 6.94
CA ALA A 465 32.09 -0.63 6.74
C ALA A 465 32.86 -0.15 5.50
N THR A 466 32.14 0.14 4.41
CA THR A 466 32.81 0.63 3.20
C THR A 466 33.40 2.02 3.41
N ILE A 467 32.68 2.89 4.14
CA ILE A 467 33.23 4.20 4.46
C ILE A 467 34.45 4.10 5.35
N ALA A 468 34.43 3.16 6.32
CA ALA A 468 35.56 2.99 7.22
C ALA A 468 36.78 2.43 6.48
N GLU A 469 36.55 1.56 5.49
CA GLU A 469 37.68 1.01 4.76
C GLU A 469 38.21 1.99 3.71
N THR A 470 37.33 2.83 3.15
CA THR A 470 37.77 3.84 2.21
C THR A 470 38.56 4.93 2.93
N GLU A 471 38.17 5.24 4.16
CA GLU A 471 38.87 6.22 4.99
C GLU A 471 40.27 5.74 5.35
N GLU A 472 40.45 4.43 5.49
CA GLU A 472 41.77 3.88 5.78
C GLU A 472 42.52 3.58 4.48
N CYS A 742 37.29 49.85 -29.21
CA CYS A 742 36.52 48.77 -28.62
C CYS A 742 36.35 48.97 -27.13
N CYS A 743 37.48 49.06 -26.43
CA CYS A 743 37.61 49.12 -24.98
C CYS A 743 36.77 50.17 -24.23
N PRO A 744 36.66 51.46 -24.65
CA PRO A 744 35.91 52.41 -23.79
C PRO A 744 34.41 52.18 -23.77
N LEU A 745 33.79 51.93 -24.92
CA LEU A 745 32.35 51.66 -25.00
C LEU A 745 32.03 50.36 -24.30
N TRP A 746 32.85 49.32 -24.55
CA TRP A 746 32.70 48.02 -23.89
C TRP A 746 32.80 48.16 -22.38
N MET A 747 33.80 48.90 -21.90
CA MET A 747 34.04 49.06 -20.47
C MET A 747 32.91 49.83 -19.81
N SER A 748 32.44 50.91 -20.45
CA SER A 748 31.38 51.72 -19.84
C SER A 748 30.05 50.96 -19.79
N ILE A 749 29.67 50.32 -20.90
CA ILE A 749 28.42 49.58 -20.96
C ILE A 749 28.49 48.35 -20.05
N LYS A 750 29.64 47.69 -20.01
CA LYS A 750 29.83 46.53 -19.14
C LYS A 750 29.76 46.91 -17.67
N GLN A 751 30.38 48.03 -17.29
CA GLN A 751 30.42 48.33 -15.87
C GLN A 751 29.03 48.55 -15.28
N GLY A 752 28.20 49.31 -15.99
CA GLY A 752 26.85 49.58 -15.53
C GLY A 752 25.95 48.36 -15.43
N VAL A 753 25.99 47.53 -16.46
CA VAL A 753 25.15 46.33 -16.49
C VAL A 753 25.54 45.38 -15.37
N LYS A 754 26.85 45.21 -15.18
CA LYS A 754 27.37 44.37 -14.13
C LYS A 754 26.94 44.91 -12.77
N LEU A 755 26.98 46.23 -12.63
CA LEU A 755 26.58 46.85 -11.37
C LEU A 755 25.11 46.58 -11.08
N VAL A 756 24.28 46.67 -12.13
CA VAL A 756 22.86 46.36 -11.99
C VAL A 756 22.57 44.89 -11.65
N VAL A 757 23.33 43.98 -12.24
CA VAL A 757 23.04 42.55 -12.15
C VAL A 757 23.10 41.99 -10.73
N MET A 758 24.09 42.42 -9.96
CA MET A 758 24.30 41.90 -8.61
C MET A 758 23.45 42.60 -7.56
N ASP A 759 22.48 43.41 -7.99
CA ASP A 759 21.53 44.05 -7.09
C ASP A 759 20.66 42.98 -6.43
N PRO A 760 20.67 42.87 -5.10
CA PRO A 760 19.81 41.87 -4.44
C PRO A 760 18.33 42.23 -4.47
N PHE A 761 18.01 43.43 -4.94
CA PHE A 761 16.64 43.84 -5.22
C PHE A 761 16.19 43.47 -6.62
N THR A 762 17.09 43.52 -7.60
CA THR A 762 16.79 43.05 -8.95
C THR A 762 16.72 41.53 -9.02
N ASP A 763 17.38 40.83 -8.08
CA ASP A 763 17.19 39.40 -7.87
C ASP A 763 15.74 39.12 -7.51
N LEU A 764 15.15 40.01 -6.70
CA LEU A 764 13.84 39.76 -6.12
C LEU A 764 12.73 39.94 -7.16
N THR A 765 12.89 40.87 -8.08
CA THR A 765 11.83 41.16 -9.04
C THR A 765 11.79 40.17 -10.19
N ILE A 766 12.73 39.23 -10.26
CA ILE A 766 12.69 38.12 -11.21
C ILE A 766 12.29 36.82 -10.53
N THR A 767 12.83 36.56 -9.34
CA THR A 767 12.53 35.35 -8.58
C THR A 767 11.06 35.32 -8.18
N MET A 768 10.53 36.47 -7.80
CA MET A 768 9.11 36.56 -7.50
C MET A 768 8.27 36.78 -8.78
N CYS A 769 8.93 36.91 -9.93
CA CYS A 769 8.25 37.00 -11.22
C CYS A 769 8.00 35.64 -11.87
N ILE A 770 8.81 34.63 -11.55
CA ILE A 770 8.55 33.28 -12.07
C ILE A 770 7.38 32.67 -11.33
N VAL A 771 7.15 33.10 -10.08
CA VAL A 771 6.02 32.68 -9.27
C VAL A 771 4.75 33.14 -9.96
N LEU A 772 4.78 34.34 -10.55
CA LEU A 772 3.66 34.84 -11.33
C LEU A 772 3.46 34.03 -12.60
N ASN A 773 4.54 33.54 -13.22
CA ASN A 773 4.39 32.74 -14.43
C ASN A 773 3.80 31.38 -14.11
N THR A 774 4.26 30.75 -13.04
CA THR A 774 3.77 29.41 -12.72
C THR A 774 2.38 29.50 -12.12
N LEU A 775 2.00 30.67 -11.61
CA LEU A 775 0.62 30.89 -11.23
C LEU A 775 -0.21 31.25 -12.45
N PHE A 776 0.42 31.75 -13.50
CA PHE A 776 -0.30 32.12 -14.70
C PHE A 776 -0.54 30.92 -15.62
N MET A 777 0.31 29.90 -15.51
CA MET A 777 0.12 28.68 -16.31
C MET A 777 -0.72 27.66 -15.56
N ALA A 778 -0.87 27.84 -14.25
CA ALA A 778 -1.74 27.00 -13.44
C ALA A 778 -3.15 27.58 -13.42
N LEU A 779 -3.36 28.53 -14.32
CA LEU A 779 -4.66 29.19 -14.49
C LEU A 779 -5.32 28.84 -15.82
N GLU A 780 -4.62 28.08 -16.66
CA GLU A 780 -5.16 27.65 -17.95
C GLU A 780 -6.04 26.43 -17.74
N HIS A 781 -7.34 26.68 -17.67
CA HIS A 781 -8.32 25.65 -17.35
C HIS A 781 -8.84 24.94 -18.59
N TYR A 782 -9.89 24.14 -18.40
CA TYR A 782 -10.46 23.27 -19.44
C TYR A 782 -11.19 23.87 -20.68
N ASN A 783 -12.09 24.84 -20.49
CA ASN A 783 -12.78 25.41 -21.64
C ASN A 783 -12.64 26.94 -21.60
N MET A 784 -11.55 27.41 -22.20
CA MET A 784 -11.25 28.83 -22.21
C MET A 784 -12.21 29.57 -23.11
N THR A 785 -12.43 30.86 -22.84
CA THR A 785 -13.59 31.57 -23.36
C THR A 785 -13.21 32.43 -24.57
N SER A 786 -12.26 31.93 -25.36
CA SER A 786 -11.92 32.39 -26.72
C SER A 786 -11.33 33.79 -26.82
N GLU A 787 -11.26 34.52 -25.70
CA GLU A 787 -10.45 35.73 -25.63
C GLU A 787 -9.58 35.70 -24.39
N PHE A 788 -10.00 34.88 -23.41
CA PHE A 788 -9.19 34.54 -22.25
C PHE A 788 -7.87 33.90 -22.69
N GLU A 789 -7.95 33.06 -23.73
CA GLU A 789 -6.78 32.37 -24.26
C GLU A 789 -5.79 33.33 -24.92
N GLU A 790 -6.31 34.38 -25.57
CA GLU A 790 -5.44 35.39 -26.17
C GLU A 790 -4.64 36.15 -25.12
N MET A 791 -5.31 36.53 -24.02
CA MET A 791 -4.64 37.24 -22.95
C MET A 791 -3.64 36.32 -22.23
N LEU A 792 -3.93 35.03 -22.19
CA LEU A 792 -2.98 34.10 -21.59
C LEU A 792 -1.75 33.90 -22.48
N GLN A 793 -1.94 33.92 -23.80
CA GLN A 793 -0.81 33.85 -24.72
C GLN A 793 0.06 35.10 -24.64
N VAL A 794 -0.57 36.27 -24.56
CA VAL A 794 0.12 37.53 -24.39
C VAL A 794 0.93 37.54 -23.09
N GLY A 795 0.36 36.95 -22.04
CA GLY A 795 1.07 36.78 -20.79
C GLY A 795 2.33 35.93 -20.90
N ASN A 796 2.22 34.76 -21.53
CA ASN A 796 3.39 33.90 -21.72
C ASN A 796 4.46 34.58 -22.56
N LEU A 797 4.02 35.35 -23.56
CA LEU A 797 4.95 36.11 -24.42
C LEU A 797 5.71 37.17 -23.64
N VAL A 798 5.00 37.89 -22.75
CA VAL A 798 5.62 38.93 -21.92
C VAL A 798 6.65 38.33 -20.97
N PHE A 799 6.30 37.21 -20.32
CA PHE A 799 7.25 36.58 -19.41
C PHE A 799 8.47 36.04 -20.14
N THR A 800 8.27 35.53 -21.36
CA THR A 800 9.39 35.06 -22.18
C THR A 800 10.31 36.21 -22.55
N GLY A 801 9.75 37.38 -22.86
CA GLY A 801 10.56 38.56 -23.13
C GLY A 801 11.37 39.02 -21.93
N ILE A 802 10.74 38.98 -20.74
CA ILE A 802 11.40 39.35 -19.48
C ILE A 802 12.59 38.45 -19.23
N PHE A 803 12.43 37.15 -19.49
CA PHE A 803 13.50 36.21 -19.21
C PHE A 803 14.64 36.31 -20.23
N THR A 804 14.30 36.54 -21.50
CA THR A 804 15.35 36.68 -22.52
C THR A 804 16.15 37.96 -22.32
N ALA A 805 15.48 39.04 -21.87
CA ALA A 805 16.19 40.28 -21.59
C ALA A 805 17.16 40.11 -20.42
N GLU A 806 16.77 39.30 -19.43
CA GLU A 806 17.65 38.96 -18.32
C GLU A 806 18.86 38.18 -18.80
N MET A 807 18.66 37.22 -19.71
CA MET A 807 19.76 36.46 -20.27
C MET A 807 20.75 37.35 -21.03
N THR A 808 20.22 38.29 -21.82
CA THR A 808 21.09 39.21 -22.56
C THR A 808 21.87 40.11 -21.62
N PHE A 809 21.22 40.60 -20.57
CA PHE A 809 21.91 41.49 -19.62
C PHE A 809 22.97 40.74 -18.83
N LYS A 810 22.77 39.46 -18.57
CA LYS A 810 23.79 38.71 -17.86
C LYS A 810 24.90 38.24 -18.78
N ILE A 811 24.63 38.14 -20.08
CA ILE A 811 25.71 37.84 -21.03
C ILE A 811 26.56 39.07 -21.27
N ILE A 812 25.93 40.24 -21.34
CA ILE A 812 26.69 41.49 -21.50
C ILE A 812 27.39 41.84 -20.19
N ALA A 813 26.86 41.36 -19.07
CA ALA A 813 27.39 41.66 -17.73
C ALA A 813 28.79 41.14 -17.49
N LEU A 814 29.12 39.99 -18.06
CA LEU A 814 30.42 39.38 -17.88
C LEU A 814 30.61 38.37 -19.01
N ASP A 815 31.88 38.06 -19.34
CA ASP A 815 32.34 37.27 -20.49
C ASP A 815 31.56 35.97 -20.61
N PRO A 816 31.20 35.56 -21.84
CA PRO A 816 30.37 34.35 -22.00
C PRO A 816 31.07 33.07 -21.57
N TYR A 817 32.39 33.04 -21.48
CA TYR A 817 33.05 31.89 -20.86
C TYR A 817 32.90 31.95 -19.34
N TYR A 818 32.69 33.15 -18.80
CA TYR A 818 32.47 33.26 -17.35
C TYR A 818 30.99 33.12 -17.02
N TYR A 819 30.11 33.46 -17.95
CA TYR A 819 28.67 33.33 -17.72
C TYR A 819 28.22 31.87 -17.79
N PHE A 820 28.91 31.03 -18.55
CA PHE A 820 28.51 29.64 -18.72
C PHE A 820 29.14 28.73 -17.67
N GLN A 821 29.35 29.28 -16.48
CA GLN A 821 30.07 28.60 -15.42
C GLN A 821 29.21 28.40 -14.17
N GLN A 822 29.26 27.20 -13.62
CA GLN A 822 28.56 26.85 -12.38
C GLN A 822 27.12 26.37 -12.60
N GLY A 823 26.44 26.11 -11.49
CA GLY A 823 25.16 25.46 -11.47
C GLY A 823 24.01 26.17 -12.16
N TRP A 824 23.94 27.48 -12.03
CA TRP A 824 22.76 28.20 -12.50
C TRP A 824 23.03 29.35 -13.45
N ASN A 825 23.39 29.03 -14.68
CA ASN A 825 23.15 29.95 -15.80
C ASN A 825 22.97 29.18 -17.10
N ILE A 826 23.59 28.01 -17.22
CA ILE A 826 23.38 27.22 -18.42
C ILE A 826 21.99 26.63 -18.43
N PHE A 827 21.44 26.32 -17.25
CA PHE A 827 20.05 25.86 -17.14
C PHE A 827 19.09 26.94 -17.62
N ASP A 828 19.34 28.18 -17.20
CA ASP A 828 18.53 29.31 -17.65
C ASP A 828 18.73 29.57 -19.14
N SER A 829 19.92 29.33 -19.66
CA SER A 829 20.16 29.49 -21.09
C SER A 829 19.41 28.46 -21.90
N ILE A 830 19.38 27.21 -21.43
CA ILE A 830 18.65 26.15 -22.10
C ILE A 830 17.15 26.43 -22.09
N ILE A 831 16.64 26.93 -20.96
CA ILE A 831 15.21 27.25 -20.88
C ILE A 831 14.83 28.36 -21.84
N VAL A 832 15.67 29.41 -21.92
CA VAL A 832 15.36 30.52 -22.82
C VAL A 832 15.48 30.09 -24.28
N ILE A 833 16.47 29.27 -24.60
CA ILE A 833 16.67 28.92 -26.01
C ILE A 833 15.68 27.84 -26.43
N LEU A 834 15.06 27.13 -25.48
CA LEU A 834 13.99 26.21 -25.87
C LEU A 834 12.64 26.91 -25.93
N SER A 835 12.40 27.87 -25.04
CA SER A 835 11.15 28.60 -25.08
C SER A 835 11.13 29.59 -26.24
N LEU A 836 12.31 29.99 -26.70
CA LEU A 836 12.39 31.02 -27.72
C LEU A 836 12.31 30.41 -29.11
N MET A 837 13.02 29.30 -29.32
CA MET A 837 13.16 28.72 -30.66
C MET A 837 11.85 28.11 -31.13
N GLU A 838 11.14 27.44 -30.23
CA GLU A 838 9.89 26.80 -30.57
C GLU A 838 8.80 27.84 -30.79
N LEU A 839 8.81 28.91 -29.99
CA LEU A 839 7.89 30.02 -30.17
C LEU A 839 8.15 30.74 -31.49
N GLY A 840 9.40 30.81 -31.89
CA GLY A 840 9.74 31.38 -33.18
C GLY A 840 9.30 30.47 -34.31
N LEU A 841 9.16 29.19 -34.03
CA LEU A 841 8.50 28.34 -35.02
C LEU A 841 7.01 28.59 -34.80
N SER A 842 6.59 29.79 -35.20
CA SER A 842 5.23 30.29 -34.94
C SER A 842 4.13 29.49 -35.61
N ARG A 843 4.34 29.10 -36.87
CA ARG A 843 3.39 28.24 -37.54
C ARG A 843 3.94 26.83 -37.39
N MET A 844 3.25 26.02 -36.60
CA MET A 844 3.79 24.73 -36.21
C MET A 844 2.78 23.61 -36.19
N SER A 845 3.28 22.38 -36.39
CA SER A 845 2.43 21.20 -36.25
C SER A 845 1.97 21.04 -34.80
N ASN A 846 2.89 21.28 -33.87
CA ASN A 846 2.60 21.27 -32.44
C ASN A 846 2.49 19.87 -31.82
N LEU A 847 3.46 19.51 -30.99
CA LEU A 847 3.42 18.26 -30.25
C LEU A 847 2.68 18.44 -28.92
N SER A 848 2.42 19.70 -28.59
CA SER A 848 1.75 20.07 -27.35
C SER A 848 2.78 20.18 -26.24
N VAL A 849 3.96 19.64 -26.52
CA VAL A 849 5.12 19.69 -25.64
C VAL A 849 5.62 21.12 -25.44
N LEU A 850 5.52 21.91 -26.51
CA LEU A 850 6.14 23.22 -26.57
C LEU A 850 5.62 24.10 -25.45
N ARG A 851 4.34 23.97 -25.16
CA ARG A 851 3.77 24.70 -24.03
C ARG A 851 4.50 24.22 -22.79
N SER A 852 4.79 22.93 -22.74
CA SER A 852 5.54 22.36 -21.62
C SER A 852 6.94 22.95 -21.50
N PHE A 853 7.61 23.13 -22.63
CA PHE A 853 8.96 23.69 -22.63
C PHE A 853 9.10 24.89 -21.70
N ARG A 854 8.09 25.76 -21.65
CA ARG A 854 8.13 26.90 -20.75
C ARG A 854 7.91 26.44 -19.33
N LEU A 855 7.25 25.30 -19.18
CA LEU A 855 6.70 24.88 -17.90
C LEU A 855 7.78 24.31 -17.00
N LEU A 856 8.94 24.03 -17.58
CA LEU A 856 10.05 23.40 -16.89
C LEU A 856 10.76 24.38 -15.96
N ARG A 857 10.41 25.66 -16.06
CA ARG A 857 11.15 26.73 -15.44
C ARG A 857 10.91 26.83 -13.93
N VAL A 858 9.99 26.02 -13.41
CA VAL A 858 9.55 26.13 -12.01
C VAL A 858 10.68 25.77 -11.05
N PHE A 859 11.64 24.98 -11.53
CA PHE A 859 12.79 24.56 -10.73
C PHE A 859 13.76 25.69 -10.39
N LYS A 860 13.53 26.89 -10.94
CA LYS A 860 14.48 27.98 -10.83
C LYS A 860 14.60 28.49 -9.40
N LEU A 861 13.53 28.42 -8.61
CA LEU A 861 13.58 28.92 -7.24
C LEU A 861 14.10 27.90 -6.24
N ALA A 862 14.83 26.89 -6.68
CA ALA A 862 15.46 25.96 -5.76
C ALA A 862 16.65 26.59 -5.06
N LYS A 863 17.15 27.71 -5.60
CA LYS A 863 18.25 28.41 -4.96
C LYS A 863 17.83 28.99 -3.62
N SER A 864 16.65 29.61 -3.57
CA SER A 864 16.17 30.20 -2.34
C SER A 864 15.59 29.13 -1.42
N TRP A 865 14.74 28.26 -1.96
CA TRP A 865 13.97 27.29 -1.20
C TRP A 865 14.86 26.14 -0.77
N PRO A 866 15.00 25.88 0.52
CA PRO A 866 15.98 24.88 0.98
C PRO A 866 15.48 23.45 0.92
N THR A 867 14.28 23.22 0.39
CA THR A 867 13.74 21.87 0.34
C THR A 867 13.61 21.31 -1.06
N LEU A 868 13.27 22.14 -2.06
CA LEU A 868 13.47 21.72 -3.45
C LEU A 868 14.92 21.47 -3.79
N ASN A 869 15.86 22.08 -3.07
CA ASN A 869 17.26 21.70 -3.17
C ASN A 869 17.46 20.23 -2.86
N THR A 870 16.79 19.73 -1.83
CA THR A 870 16.95 18.34 -1.45
C THR A 870 16.26 17.40 -2.44
N LEU A 871 15.14 17.81 -3.03
CA LEU A 871 14.52 16.97 -4.04
C LEU A 871 15.30 16.99 -5.34
N ILE A 872 16.07 18.04 -5.63
CA ILE A 872 16.98 17.97 -6.75
C ILE A 872 18.15 17.06 -6.43
N LYS A 873 18.66 17.14 -5.19
CA LYS A 873 19.75 16.28 -4.76
C LYS A 873 19.41 14.79 -4.79
N ILE A 874 18.16 14.42 -4.52
CA ILE A 874 17.77 13.02 -4.58
C ILE A 874 17.86 12.48 -6.00
N ILE A 875 17.35 13.24 -6.98
CA ILE A 875 17.36 12.77 -8.36
C ILE A 875 18.78 12.74 -8.91
N GLY A 876 19.58 13.76 -8.57
CA GLY A 876 20.96 13.78 -9.01
C GLY A 876 21.79 12.70 -8.32
N ASN A 877 21.38 12.31 -7.12
CA ASN A 877 22.02 11.21 -6.42
C ASN A 877 21.59 9.86 -6.98
N SER A 878 20.43 9.81 -7.65
CA SER A 878 19.97 8.54 -8.20
C SER A 878 20.48 8.29 -9.63
N VAL A 879 20.78 9.35 -10.36
CA VAL A 879 21.15 9.19 -11.76
C VAL A 879 22.61 9.57 -11.91
N GLY A 880 23.46 9.06 -11.02
CA GLY A 880 24.87 9.33 -11.18
C GLY A 880 25.75 9.43 -9.96
N ALA A 881 25.22 9.13 -8.78
CA ALA A 881 26.09 8.81 -7.66
C ALA A 881 25.67 7.47 -7.10
N LEU A 882 24.38 7.17 -7.22
CA LEU A 882 23.86 5.80 -7.18
C LEU A 882 23.35 5.41 -8.55
N GLY A 883 24.07 5.80 -9.61
CA GLY A 883 23.57 5.65 -10.95
C GLY A 883 23.75 4.27 -11.54
N ASN A 884 24.56 3.43 -10.90
CA ASN A 884 24.67 2.05 -11.38
C ASN A 884 23.55 1.19 -10.82
N LEU A 885 23.06 1.49 -9.63
CA LEU A 885 22.04 0.65 -9.02
C LEU A 885 20.70 0.82 -9.70
N THR A 886 20.41 1.98 -10.28
CA THR A 886 19.24 2.08 -11.13
C THR A 886 19.45 1.41 -12.48
N LEU A 887 20.70 1.23 -12.90
CA LEU A 887 20.96 0.55 -14.16
C LEU A 887 20.79 -0.96 -14.00
N VAL A 888 21.13 -1.48 -12.82
CA VAL A 888 20.84 -2.88 -12.50
C VAL A 888 19.35 -3.12 -12.48
N LEU A 889 18.59 -2.15 -11.97
CA LEU A 889 17.13 -2.24 -11.99
C LEU A 889 16.58 -2.23 -13.41
N ALA A 890 17.15 -1.37 -14.27
CA ALA A 890 16.72 -1.34 -15.67
C ALA A 890 17.06 -2.63 -16.39
N ILE A 891 18.15 -3.29 -15.99
CA ILE A 891 18.47 -4.59 -16.57
C ILE A 891 17.51 -5.66 -16.10
N ILE A 892 17.21 -5.69 -14.79
CA ILE A 892 16.39 -6.76 -14.22
C ILE A 892 14.94 -6.66 -14.70
N VAL A 893 14.42 -5.44 -14.83
CA VAL A 893 13.07 -5.26 -15.37
C VAL A 893 13.01 -5.73 -16.83
N PHE A 894 14.04 -5.42 -17.61
CA PHE A 894 14.11 -5.87 -18.99
C PHE A 894 14.23 -7.39 -19.10
N ILE A 895 15.03 -8.01 -18.23
CA ILE A 895 15.19 -9.45 -18.22
C ILE A 895 13.86 -10.14 -17.93
N PHE A 896 13.13 -9.67 -16.91
CA PHE A 896 11.84 -10.28 -16.63
C PHE A 896 10.80 -10.00 -17.70
N ALA A 897 10.82 -8.82 -18.33
CA ALA A 897 9.87 -8.55 -19.39
C ALA A 897 10.15 -9.34 -20.66
N VAL A 898 11.38 -9.78 -20.87
CA VAL A 898 11.70 -10.65 -21.99
C VAL A 898 11.40 -12.12 -21.66
N VAL A 899 11.71 -12.56 -20.44
CA VAL A 899 11.38 -13.93 -20.01
C VAL A 899 9.88 -14.16 -20.09
N GLY A 900 9.09 -13.19 -19.64
CA GLY A 900 7.66 -13.31 -19.74
C GLY A 900 7.13 -13.26 -21.16
N MET A 901 7.77 -12.48 -22.03
CA MET A 901 7.29 -12.38 -23.41
C MET A 901 7.59 -13.64 -24.19
N GLN A 902 8.73 -14.26 -23.91
CA GLN A 902 9.09 -15.50 -24.58
C GLN A 902 8.24 -16.66 -24.07
N LEU A 903 8.04 -16.75 -22.74
CA LEU A 903 7.25 -17.85 -22.19
C LEU A 903 5.76 -17.66 -22.48
N PHE A 904 5.16 -16.62 -21.91
CA PHE A 904 3.72 -16.51 -21.81
C PHE A 904 3.11 -15.82 -23.02
N GLY A 905 3.91 -15.51 -24.03
CA GLY A 905 3.46 -14.64 -25.09
C GLY A 905 2.48 -15.26 -26.07
N LYS A 906 2.76 -16.49 -26.50
CA LYS A 906 1.91 -17.13 -27.49
C LYS A 906 0.57 -17.56 -26.87
N ASN A 907 0.56 -17.78 -25.56
CA ASN A 907 -0.61 -18.34 -24.90
C ASN A 907 -1.76 -17.36 -24.80
N TYR A 908 -1.46 -16.06 -24.80
CA TYR A 908 -2.51 -15.06 -24.66
C TYR A 908 -3.28 -14.84 -25.94
N SER A 909 -2.80 -15.36 -27.06
CA SER A 909 -3.20 -14.88 -28.37
C SER A 909 -4.64 -15.21 -28.73
N GLU A 910 -4.98 -16.49 -28.86
CA GLU A 910 -6.35 -16.84 -29.17
C GLU A 910 -7.20 -16.96 -27.92
N LEU A 911 -6.54 -17.10 -26.78
CA LEU A 911 -7.22 -17.24 -25.50
C LEU A 911 -8.04 -16.00 -25.16
N ARG A 912 -7.52 -14.83 -25.46
CA ARG A 912 -8.20 -13.58 -25.12
C ARG A 912 -9.55 -13.46 -25.81
N ASP A 913 -10.54 -12.99 -25.05
CA ASP A 913 -11.95 -13.10 -25.41
C ASP A 913 -12.43 -12.51 -26.75
N SER A 914 -11.91 -11.35 -27.13
CA SER A 914 -12.33 -10.74 -28.40
C SER A 914 -13.83 -10.36 -28.44
N ASP A 915 -14.54 -10.81 -29.48
CA ASP A 915 -15.90 -10.35 -29.84
C ASP A 915 -15.77 -9.07 -30.67
N SER A 916 -14.52 -8.75 -30.95
CA SER A 916 -14.05 -7.66 -31.80
C SER A 916 -12.73 -7.95 -32.49
N GLY A 917 -11.91 -8.83 -31.90
CA GLY A 917 -10.50 -8.88 -32.22
C GLY A 917 -9.71 -8.11 -31.18
N LEU A 918 -9.96 -8.40 -29.90
CA LEU A 918 -9.68 -7.45 -28.83
C LEU A 918 -8.96 -8.13 -27.67
N LEU A 919 -7.70 -7.78 -27.48
CA LEU A 919 -6.92 -8.31 -26.37
C LEU A 919 -7.27 -7.59 -25.07
N PRO A 920 -6.84 -8.09 -23.89
CA PRO A 920 -7.08 -7.35 -22.65
C PRO A 920 -6.16 -6.17 -22.46
N ARG A 921 -6.26 -5.52 -21.31
CA ARG A 921 -5.46 -4.34 -21.05
C ARG A 921 -4.08 -4.69 -20.54
N TRP A 922 -3.89 -5.89 -20.00
CA TRP A 922 -2.67 -6.23 -19.30
C TRP A 922 -2.15 -7.57 -19.77
N HIS A 923 -2.02 -7.72 -21.09
CA HIS A 923 -1.43 -8.93 -21.65
C HIS A 923 0.08 -8.82 -21.71
N MET A 924 0.73 -9.73 -22.44
CA MET A 924 2.19 -9.77 -22.43
C MET A 924 2.75 -10.11 -23.82
N MET A 925 2.00 -9.92 -24.89
CA MET A 925 2.48 -10.30 -26.21
C MET A 925 3.56 -9.36 -26.73
N ASP A 926 3.36 -8.05 -26.61
CA ASP A 926 4.33 -7.09 -27.09
C ASP A 926 5.48 -6.98 -26.08
N PHE A 927 6.47 -6.14 -26.40
CA PHE A 927 7.46 -5.85 -25.38
C PHE A 927 6.95 -4.81 -24.40
N PHE A 928 6.18 -3.84 -24.89
CA PHE A 928 5.77 -2.71 -24.08
C PHE A 928 4.75 -3.14 -23.01
N HIS A 929 3.78 -3.97 -23.41
CA HIS A 929 2.84 -4.51 -22.43
C HIS A 929 3.52 -5.46 -21.47
N ALA A 930 4.55 -6.17 -21.93
CA ALA A 930 5.34 -7.02 -21.04
C ALA A 930 6.13 -6.20 -20.04
N PHE A 931 6.53 -4.99 -20.42
CA PHE A 931 7.21 -4.11 -19.48
C PHE A 931 6.25 -3.55 -18.45
N LEU A 932 5.03 -3.20 -18.89
CA LEU A 932 4.08 -2.58 -17.96
C LEU A 932 3.58 -3.57 -16.92
N ILE A 933 3.54 -4.86 -17.28
CA ILE A 933 3.05 -5.85 -16.34
C ILE A 933 4.12 -6.22 -15.32
N ILE A 934 5.38 -5.87 -15.59
CA ILE A 934 6.41 -5.99 -14.57
C ILE A 934 6.44 -4.73 -13.72
N PHE A 935 6.10 -3.61 -14.36
CA PHE A 935 6.06 -2.34 -13.65
C PHE A 935 4.95 -2.34 -12.60
N ARG A 936 3.83 -3.00 -12.90
CA ARG A 936 2.76 -3.12 -11.91
C ARG A 936 3.18 -3.97 -10.71
N ILE A 937 3.91 -5.05 -10.95
CA ILE A 937 4.35 -5.91 -9.85
C ILE A 937 5.39 -5.18 -9.00
N LEU A 938 6.15 -4.29 -9.62
CA LEU A 938 6.97 -3.38 -8.81
C LEU A 938 6.12 -2.40 -8.03
N CYS A 939 5.00 -1.93 -8.59
CA CYS A 939 4.12 -1.04 -7.88
C CYS A 939 3.38 -1.72 -6.73
N GLY A 940 3.14 -3.02 -6.82
CA GLY A 940 2.55 -3.78 -5.75
C GLY A 940 1.26 -4.48 -6.10
N GLU A 941 0.82 -4.34 -7.35
CA GLU A 941 -0.42 -4.96 -7.80
C GLU A 941 -0.17 -6.14 -8.75
N TRP A 942 -0.16 -7.36 -8.22
CA TRP A 942 0.37 -8.49 -8.97
C TRP A 942 -0.62 -9.62 -9.24
N ILE A 943 -1.75 -9.63 -8.53
CA ILE A 943 -2.54 -10.84 -8.41
C ILE A 943 -3.60 -10.98 -9.50
N GLU A 944 -4.12 -9.87 -10.01
CA GLU A 944 -5.04 -9.95 -11.14
C GLU A 944 -4.36 -10.30 -12.46
N THR A 945 -3.06 -10.10 -12.53
CA THR A 945 -2.25 -10.59 -13.63
C THR A 945 -1.89 -12.06 -13.44
N MET A 946 -1.72 -12.51 -12.19
CA MET A 946 -1.54 -13.95 -11.96
C MET A 946 -2.80 -14.73 -12.34
N TRP A 947 -3.98 -14.15 -12.12
CA TRP A 947 -5.19 -14.87 -12.49
C TRP A 947 -5.34 -14.96 -14.00
N ASP A 948 -5.10 -13.85 -14.70
CA ASP A 948 -5.17 -13.84 -16.16
C ASP A 948 -4.05 -14.65 -16.80
N CYS A 949 -2.95 -14.84 -16.09
CA CYS A 949 -1.85 -15.68 -16.56
C CYS A 949 -2.07 -17.16 -16.30
N MET A 950 -2.55 -17.51 -15.11
CA MET A 950 -2.87 -18.88 -14.75
C MET A 950 -4.06 -19.43 -15.53
N GLU A 951 -4.91 -18.56 -16.04
CA GLU A 951 -6.03 -19.02 -16.84
C GLU A 951 -5.59 -19.57 -18.21
N VAL A 952 -4.35 -19.31 -18.64
CA VAL A 952 -3.84 -19.86 -19.90
C VAL A 952 -2.63 -20.77 -19.70
N SER A 953 -1.76 -20.45 -18.74
CA SER A 953 -0.42 -21.02 -18.75
C SER A 953 -0.17 -22.06 -17.67
N GLY A 954 -1.18 -22.45 -16.92
CA GLY A 954 -0.97 -23.40 -15.84
C GLY A 954 -0.41 -22.74 -14.59
N GLN A 955 -0.67 -23.37 -13.46
CA GLN A 955 -0.36 -22.77 -12.18
C GLN A 955 1.14 -22.82 -11.88
N SER A 956 1.84 -23.79 -12.45
CA SER A 956 3.21 -24.08 -12.01
C SER A 956 4.20 -23.02 -12.44
N LEU A 957 4.22 -22.71 -13.75
CA LEU A 957 5.11 -21.67 -14.26
C LEU A 957 4.71 -20.29 -13.75
N CYS A 958 3.41 -20.00 -13.80
CA CYS A 958 2.93 -18.67 -13.54
C CYS A 958 3.03 -18.32 -12.07
N LEU A 959 2.92 -19.32 -11.21
CA LEU A 959 3.18 -19.13 -9.79
C LEU A 959 4.64 -18.75 -9.56
N LEU A 960 5.55 -19.38 -10.31
CA LEU A 960 6.97 -19.25 -10.05
C LEU A 960 7.51 -17.92 -10.52
N VAL A 961 7.15 -17.53 -11.75
CA VAL A 961 7.65 -16.29 -12.34
C VAL A 961 7.18 -15.08 -11.56
N PHE A 962 5.90 -15.06 -11.18
CA PHE A 962 5.33 -13.89 -10.53
C PHE A 962 5.63 -13.84 -9.05
N LEU A 963 6.28 -14.85 -8.49
CA LEU A 963 6.86 -14.66 -7.17
C LEU A 963 8.32 -14.30 -7.22
N LEU A 964 9.06 -14.79 -8.22
CA LEU A 964 10.43 -14.34 -8.40
C LEU A 964 10.52 -12.88 -8.75
N VAL A 965 9.61 -12.40 -9.61
CA VAL A 965 9.54 -10.97 -9.94
C VAL A 965 9.31 -10.15 -8.69
N MET A 966 8.37 -10.58 -7.86
CA MET A 966 8.03 -9.90 -6.60
C MET A 966 9.14 -9.85 -5.54
N VAL A 967 9.86 -10.95 -5.34
CA VAL A 967 10.93 -10.98 -4.34
C VAL A 967 12.17 -10.27 -4.85
N ILE A 968 12.63 -10.57 -6.07
CA ILE A 968 13.86 -9.97 -6.58
C ILE A 968 13.67 -8.49 -6.87
N GLY A 969 12.60 -8.14 -7.59
CA GLY A 969 12.34 -6.76 -7.94
C GLY A 969 12.05 -5.87 -6.76
N ASN A 970 11.29 -6.35 -5.77
CA ASN A 970 11.03 -5.52 -4.61
C ASN A 970 12.25 -5.43 -3.71
N LEU A 971 13.12 -6.44 -3.74
CA LEU A 971 14.40 -6.33 -3.03
C LEU A 971 15.27 -5.25 -3.66
N VAL A 972 15.31 -5.21 -4.99
CA VAL A 972 16.13 -4.21 -5.68
C VAL A 972 15.56 -2.81 -5.50
N VAL A 973 14.26 -2.63 -5.73
CA VAL A 973 13.57 -1.34 -5.65
C VAL A 973 13.63 -0.81 -4.22
N LEU A 974 13.44 -1.70 -3.24
CA LEU A 974 13.51 -1.29 -1.84
C LEU A 974 14.94 -0.93 -1.43
N ASN A 975 15.94 -1.64 -1.96
CA ASN A 975 17.30 -1.37 -1.55
C ASN A 975 17.80 -0.08 -2.20
N LEU A 976 17.30 0.20 -3.41
CA LEU A 976 17.50 1.48 -4.06
C LEU A 976 16.87 2.64 -3.27
N PHE A 977 15.66 2.42 -2.77
CA PHE A 977 14.95 3.39 -1.95
C PHE A 977 15.73 3.73 -0.69
N LEU A 978 16.18 2.70 0.03
CA LEU A 978 16.94 2.93 1.24
C LEU A 978 18.31 3.52 0.93
N ALA A 979 18.87 3.22 -0.24
CA ALA A 979 20.14 3.83 -0.64
C ALA A 979 19.98 5.33 -0.83
N LEU A 980 18.94 5.75 -1.55
CA LEU A 980 18.66 7.18 -1.72
C LEU A 980 18.35 7.90 -0.42
N LEU A 981 17.56 7.27 0.46
CA LEU A 981 17.19 7.90 1.71
C LEU A 981 18.40 8.08 2.63
N LEU A 982 19.24 7.05 2.73
CA LEU A 982 20.43 7.15 3.57
C LEU A 982 21.42 8.14 2.98
N SER A 983 21.56 8.18 1.65
CA SER A 983 22.46 9.14 1.01
C SER A 983 21.95 10.57 1.10
N SER A 984 20.64 10.75 1.27
CA SER A 984 20.11 12.10 1.44
C SER A 984 20.26 12.59 2.87
N PHE A 985 19.65 11.91 3.84
CA PHE A 985 19.60 12.52 5.17
C PHE A 985 20.87 12.17 5.95
N SER A 986 21.75 11.37 5.36
CA SER A 986 23.11 11.25 5.86
C SER A 986 23.84 12.57 5.68
N ALA A 987 23.52 13.27 4.59
CA ALA A 987 24.05 14.60 4.34
C ALA A 987 23.00 15.65 4.66
N GLY A 1231 -12.67 42.33 50.86
CA GLY A 1231 -12.75 41.28 49.88
C GLY A 1231 -11.81 40.14 50.18
N LYS A 1232 -11.53 39.96 51.47
CA LYS A 1232 -10.60 38.94 51.94
C LYS A 1232 -11.24 37.56 52.10
N VAL A 1233 -12.50 37.40 51.71
CA VAL A 1233 -13.11 36.07 51.66
C VAL A 1233 -13.02 35.51 50.25
N TRP A 1234 -12.89 36.37 49.25
CA TRP A 1234 -12.70 35.96 47.85
C TRP A 1234 -11.44 35.15 47.67
N TRP A 1235 -10.39 35.43 48.44
CA TRP A 1235 -9.17 34.64 48.37
C TRP A 1235 -9.38 33.23 48.88
N ARG A 1236 -10.24 33.06 49.88
CA ARG A 1236 -10.57 31.71 50.33
C ARG A 1236 -11.51 31.04 49.33
N LEU A 1237 -12.37 31.83 48.69
CA LEU A 1237 -13.30 31.30 47.71
C LEU A 1237 -12.59 30.82 46.46
N ARG A 1238 -11.49 31.46 46.07
CA ARG A 1238 -10.67 30.95 44.98
C ARG A 1238 -10.04 29.63 45.34
N LYS A 1239 -9.52 29.51 46.56
CA LYS A 1239 -8.78 28.32 46.96
C LYS A 1239 -9.67 27.12 47.20
N THR A 1240 -10.86 27.32 47.76
CA THR A 1240 -11.77 26.18 47.91
C THR A 1240 -12.34 25.72 46.58
N CYS A 1241 -12.29 26.56 45.54
CA CYS A 1241 -12.73 26.16 44.21
C CYS A 1241 -11.59 25.51 43.43
N TYR A 1242 -10.35 25.89 43.72
CA TYR A 1242 -9.21 25.12 43.24
C TYR A 1242 -9.14 23.76 43.93
N HIS A 1243 -9.64 23.69 45.16
CA HIS A 1243 -9.62 22.47 45.94
C HIS A 1243 -10.55 21.41 45.38
N ILE A 1244 -11.63 21.82 44.70
CA ILE A 1244 -12.54 20.82 44.15
C ILE A 1244 -12.05 20.31 42.79
N VAL A 1245 -11.31 21.09 42.01
CA VAL A 1245 -10.79 20.55 40.77
C VAL A 1245 -9.50 19.77 41.04
N GLU A 1246 -8.84 20.01 42.17
CA GLU A 1246 -7.79 19.11 42.59
C GLU A 1246 -8.33 17.77 43.11
N HIS A 1247 -9.52 17.80 43.71
CA HIS A 1247 -10.19 16.61 44.27
C HIS A 1247 -10.46 15.61 43.15
N SER A 1248 -9.98 14.38 43.32
CA SER A 1248 -9.85 13.47 42.19
C SER A 1248 -11.18 12.92 41.71
N TRP A 1249 -12.19 12.87 42.58
CA TRP A 1249 -13.50 12.38 42.17
C TRP A 1249 -14.16 13.32 41.17
N PHE A 1250 -13.77 14.60 41.18
CA PHE A 1250 -14.30 15.56 40.23
C PHE A 1250 -13.92 15.19 38.80
N GLU A 1251 -12.62 15.04 38.54
CA GLU A 1251 -12.25 14.66 37.18
C GLU A 1251 -12.52 13.19 36.88
N THR A 1252 -12.66 12.35 37.90
CA THR A 1252 -13.14 10.98 37.65
C THR A 1252 -14.57 11.00 37.14
N PHE A 1253 -15.40 11.89 37.69
CA PHE A 1253 -16.72 12.15 37.15
C PHE A 1253 -16.66 12.73 35.74
N ILE A 1254 -15.69 13.62 35.52
CA ILE A 1254 -15.55 14.29 34.22
C ILE A 1254 -15.20 13.32 33.10
N ILE A 1255 -14.26 12.40 33.36
CA ILE A 1255 -13.84 11.44 32.35
C ILE A 1255 -15.00 10.56 31.92
N PHE A 1256 -15.73 10.01 32.89
CA PHE A 1256 -16.85 9.13 32.57
C PHE A 1256 -17.97 9.91 31.92
N MET A 1257 -18.12 11.19 32.27
CA MET A 1257 -19.13 12.02 31.63
C MET A 1257 -18.74 12.34 30.18
N ILE A 1258 -17.45 12.55 29.92
CA ILE A 1258 -17.00 12.82 28.54
C ILE A 1258 -17.15 11.58 27.67
N LEU A 1259 -16.76 10.42 28.20
CA LEU A 1259 -16.90 9.16 27.48
C LEU A 1259 -18.35 8.84 27.18
N LEU A 1260 -19.24 9.07 28.14
CA LEU A 1260 -20.64 8.77 27.92
C LEU A 1260 -21.25 9.78 26.95
N SER A 1261 -20.84 11.04 27.05
CA SER A 1261 -21.33 12.07 26.15
C SER A 1261 -20.82 11.87 24.73
N SER A 1262 -19.67 11.22 24.58
CA SER A 1262 -19.13 10.94 23.26
C SER A 1262 -19.74 9.70 22.65
N GLY A 1263 -19.82 8.62 23.42
CA GLY A 1263 -20.40 7.41 22.91
C GLY A 1263 -21.89 7.45 22.74
N ALA A 1264 -22.58 8.37 23.41
CA ALA A 1264 -24.03 8.45 23.32
C ALA A 1264 -24.48 8.91 21.95
N LEU A 1265 -23.64 9.67 21.26
CA LEU A 1265 -24.04 10.16 19.95
C LEU A 1265 -23.70 9.19 18.83
N ALA A 1266 -23.29 7.97 19.15
CA ALA A 1266 -23.16 6.94 18.14
C ALA A 1266 -24.52 6.41 17.71
N PHE A 1267 -25.56 6.62 18.51
CA PHE A 1267 -26.90 6.17 18.17
C PHE A 1267 -27.56 7.08 17.15
N GLU A 1268 -26.94 8.20 16.82
CA GLU A 1268 -27.42 9.08 15.77
C GLU A 1268 -27.19 8.40 14.43
N ASP A 1269 -28.24 7.79 13.87
CA ASP A 1269 -28.12 7.05 12.63
C ASP A 1269 -29.41 7.20 11.84
N ILE A 1270 -29.63 6.31 10.89
CA ILE A 1270 -30.80 6.41 10.03
C ILE A 1270 -31.92 5.57 10.60
N TYR A 1271 -31.68 4.95 11.76
CA TYR A 1271 -32.74 4.27 12.48
C TYR A 1271 -33.22 5.04 13.69
N LEU A 1272 -33.05 6.35 13.75
CA LEU A 1272 -33.45 7.08 14.94
C LEU A 1272 -34.85 7.64 14.75
N GLU A 1273 -35.37 7.57 13.52
CA GLU A 1273 -36.73 8.01 13.27
C GLU A 1273 -37.67 6.94 13.83
N GLU A 1274 -37.45 5.66 13.55
CA GLU A 1274 -38.34 4.63 14.06
C GLU A 1274 -38.07 4.34 15.53
N ARG A 1275 -36.97 4.84 16.08
CA ARG A 1275 -36.62 4.54 17.46
C ARG A 1275 -37.11 5.69 18.35
N LYS A 1276 -38.28 6.24 17.99
CA LYS A 1276 -38.95 7.43 18.52
C LYS A 1276 -38.88 7.61 20.03
N THR A 1277 -38.95 6.51 20.77
CA THR A 1277 -38.92 6.57 22.23
C THR A 1277 -37.59 7.08 22.73
N ILE A 1278 -36.49 6.51 22.24
CA ILE A 1278 -35.18 6.76 22.81
C ILE A 1278 -34.62 8.06 22.20
N LYS A 1279 -35.29 8.55 21.15
CA LYS A 1279 -34.92 9.81 20.51
C LYS A 1279 -35.00 10.99 21.46
N VAL A 1280 -35.96 11.00 22.38
CA VAL A 1280 -36.12 12.07 23.34
C VAL A 1280 -35.12 11.96 24.48
N LEU A 1281 -34.71 10.72 24.77
CA LEU A 1281 -33.77 10.44 25.85
C LEU A 1281 -32.39 10.98 25.52
N LEU A 1282 -32.07 11.10 24.23
CA LEU A 1282 -30.82 11.77 23.87
C LEU A 1282 -30.95 13.28 23.82
N GLU A 1283 -32.16 13.80 23.61
CA GLU A 1283 -32.39 15.24 23.68
C GLU A 1283 -32.14 15.76 25.10
N TYR A 1284 -32.74 15.07 26.08
CA TYR A 1284 -32.52 15.38 27.49
C TYR A 1284 -31.04 15.22 27.85
N ALA A 1285 -30.41 14.16 27.34
CA ALA A 1285 -29.02 13.89 27.64
C ALA A 1285 -28.10 14.96 27.09
N ASP A 1286 -28.33 15.40 25.86
CA ASP A 1286 -27.54 16.45 25.21
C ASP A 1286 -27.68 17.77 25.96
N LYS A 1287 -28.92 18.13 26.30
CA LYS A 1287 -29.16 19.39 26.99
C LYS A 1287 -28.74 19.31 28.45
N MET A 1288 -28.41 18.12 28.95
CA MET A 1288 -27.77 18.00 30.26
C MET A 1288 -26.24 18.05 30.17
N PHE A 1289 -25.67 17.44 29.13
CA PHE A 1289 -24.22 17.42 28.94
C PHE A 1289 -23.70 18.81 28.67
N THR A 1290 -24.45 19.61 27.90
CA THR A 1290 -24.07 20.99 27.65
C THR A 1290 -24.01 21.79 28.94
N TYR A 1291 -24.99 21.61 29.82
CA TYR A 1291 -25.01 22.36 31.07
C TYR A 1291 -23.88 21.92 32.00
N VAL A 1292 -23.56 20.62 32.01
CA VAL A 1292 -22.46 20.13 32.84
C VAL A 1292 -21.13 20.69 32.37
N PHE A 1293 -20.89 20.71 31.05
CA PHE A 1293 -19.63 21.20 30.55
C PHE A 1293 -19.53 22.73 30.65
N VAL A 1294 -20.66 23.43 30.56
CA VAL A 1294 -20.67 24.87 30.77
C VAL A 1294 -20.34 25.19 32.22
N LEU A 1295 -20.92 24.44 33.15
CA LEU A 1295 -20.59 24.60 34.56
C LEU A 1295 -19.14 24.23 34.83
N GLU A 1296 -18.61 23.29 34.04
CA GLU A 1296 -17.21 22.90 34.15
C GLU A 1296 -16.28 24.05 33.77
N MET A 1297 -16.55 24.68 32.62
CA MET A 1297 -15.71 25.78 32.16
C MET A 1297 -15.84 26.99 33.08
N LEU A 1298 -17.06 27.27 33.54
CA LEU A 1298 -17.29 28.38 34.44
C LEU A 1298 -16.66 28.13 35.80
N LEU A 1299 -16.55 26.86 36.19
CA LEU A 1299 -15.98 26.53 37.49
C LEU A 1299 -14.47 26.49 37.40
N LYS A 1300 -13.92 26.27 36.20
CA LYS A 1300 -12.47 26.27 36.04
C LYS A 1300 -11.95 27.69 35.85
N TRP A 1301 -12.80 28.57 35.29
CA TRP A 1301 -12.45 29.97 35.09
C TRP A 1301 -12.02 30.65 36.37
N VAL A 1302 -12.93 30.80 37.32
CA VAL A 1302 -12.47 31.29 38.60
C VAL A 1302 -12.19 30.07 39.45
N ALA A 1303 -11.14 29.34 39.08
CA ALA A 1303 -10.37 28.49 39.97
C ALA A 1303 -8.93 28.61 39.53
N TYR A 1304 -8.74 28.94 38.25
CA TYR A 1304 -7.40 29.08 37.71
C TYR A 1304 -7.04 30.50 37.31
N GLY A 1305 -8.01 31.37 37.03
CA GLY A 1305 -7.68 32.67 36.48
C GLY A 1305 -7.56 32.61 34.98
N PHE A 1306 -7.83 33.73 34.31
CA PHE A 1306 -7.77 33.80 32.86
C PHE A 1306 -6.34 33.60 32.35
N LYS A 1307 -5.37 34.03 33.14
CA LYS A 1307 -3.95 33.90 32.81
C LYS A 1307 -3.53 32.44 32.72
N LYS A 1308 -3.90 31.63 33.72
CA LYS A 1308 -3.54 30.21 33.64
C LYS A 1308 -4.45 29.45 32.70
N TYR A 1309 -5.72 29.84 32.60
CA TYR A 1309 -6.67 29.12 31.75
C TYR A 1309 -6.37 29.31 30.27
N PHE A 1310 -6.43 30.56 29.79
CA PHE A 1310 -6.33 30.83 28.37
C PHE A 1310 -4.92 30.65 27.82
N THR A 1311 -3.93 30.40 28.66
CA THR A 1311 -2.58 30.13 28.18
C THR A 1311 -2.19 28.69 28.49
N ASN A 1312 -3.11 27.76 28.26
CA ASN A 1312 -2.85 26.34 28.44
C ASN A 1312 -2.85 25.57 27.13
N ALA A 1313 -3.58 26.03 26.12
CA ALA A 1313 -3.76 25.48 24.77
C ALA A 1313 -4.47 24.14 24.74
N TRP A 1314 -4.81 23.56 25.89
CA TRP A 1314 -5.83 22.52 25.93
C TRP A 1314 -7.18 23.14 26.23
N CYS A 1315 -7.17 24.18 27.06
CA CYS A 1315 -8.42 24.81 27.46
C CYS A 1315 -9.05 25.57 26.31
N TRP A 1316 -8.25 25.94 25.30
CA TRP A 1316 -8.80 26.51 24.08
C TRP A 1316 -9.65 25.50 23.33
N LEU A 1317 -9.24 24.24 23.35
CA LEU A 1317 -10.02 23.19 22.70
C LEU A 1317 -11.37 23.01 23.39
N ASP A 1318 -11.35 22.89 24.72
CA ASP A 1318 -12.58 22.71 25.50
C ASP A 1318 -13.47 23.94 25.39
N PHE A 1319 -12.87 25.13 25.38
CA PHE A 1319 -13.60 26.38 25.27
C PHE A 1319 -14.28 26.51 23.92
N LEU A 1320 -13.58 26.10 22.86
CA LEU A 1320 -14.14 26.10 21.52
C LEU A 1320 -15.33 25.16 21.41
N ILE A 1321 -15.21 23.97 22.00
CA ILE A 1321 -16.28 22.98 21.90
C ILE A 1321 -17.50 23.41 22.70
N VAL A 1322 -17.28 23.98 23.89
CA VAL A 1322 -18.36 24.51 24.72
C VAL A 1322 -19.03 25.68 24.03
N ASP A 1323 -18.24 26.48 23.30
CA ASP A 1323 -18.79 27.61 22.55
C ASP A 1323 -19.70 27.13 21.42
N VAL A 1324 -19.29 26.07 20.73
CA VAL A 1324 -20.12 25.50 19.66
C VAL A 1324 -21.42 24.96 20.23
N SER A 1325 -21.33 24.28 21.37
CA SER A 1325 -22.51 23.75 22.04
C SER A 1325 -23.46 24.86 22.48
N LEU A 1326 -22.90 25.97 22.95
CA LEU A 1326 -23.73 27.08 23.42
C LEU A 1326 -24.43 27.79 22.27
N VAL A 1327 -23.72 28.00 21.15
CA VAL A 1327 -24.33 28.63 19.98
C VAL A 1327 -25.48 27.78 19.45
N SER A 1328 -25.23 26.46 19.38
CA SER A 1328 -26.26 25.51 18.96
C SER A 1328 -27.46 25.53 19.91
N LEU A 1329 -27.19 25.58 21.22
CA LEU A 1329 -28.22 25.57 22.23
C LEU A 1329 -29.11 26.82 22.18
N VAL A 1330 -28.48 27.99 22.08
CA VAL A 1330 -29.19 29.27 22.03
C VAL A 1330 -30.03 29.37 20.76
N ALA A 1331 -29.45 28.96 19.63
CA ALA A 1331 -30.19 29.01 18.38
C ALA A 1331 -31.36 28.02 18.38
N ASN A 1332 -31.18 26.86 19.01
CA ASN A 1332 -32.21 25.84 19.03
C ASN A 1332 -33.37 26.26 19.93
N THR A 1333 -33.07 26.68 21.16
CA THR A 1333 -34.13 26.98 22.12
C THR A 1333 -34.78 28.33 21.86
N LEU A 1334 -33.96 29.38 21.82
CA LEU A 1334 -34.45 30.74 21.89
C LEU A 1334 -35.00 31.23 20.55
N GLY A 1335 -34.18 31.20 19.50
CA GLY A 1335 -34.54 31.84 18.25
C GLY A 1335 -35.31 30.99 17.27
N PHE A 1336 -35.76 29.83 17.70
CA PHE A 1336 -36.37 28.88 16.77
C PHE A 1336 -35.37 28.64 15.65
N ALA A 1337 -34.10 28.54 16.01
CA ALA A 1337 -33.02 28.57 15.02
C ALA A 1337 -32.73 27.22 14.36
N GLU A 1338 -33.68 26.76 13.55
CA GLU A 1338 -33.46 25.65 12.63
C GLU A 1338 -33.43 26.19 11.20
N MET A 1339 -33.35 27.51 11.08
CA MET A 1339 -33.62 28.23 9.83
C MET A 1339 -32.71 27.92 8.64
N GLY A 1340 -31.40 27.81 8.86
CA GLY A 1340 -30.51 27.67 7.74
C GLY A 1340 -29.27 26.86 8.07
N PRO A 1341 -28.12 27.53 8.17
CA PRO A 1341 -26.86 26.82 8.44
C PRO A 1341 -26.64 26.43 9.90
N ILE A 1342 -27.69 26.55 10.72
CA ILE A 1342 -27.63 26.02 12.08
C ILE A 1342 -27.53 24.50 12.04
N LYS A 1343 -28.11 23.89 11.01
CA LYS A 1343 -27.94 22.45 10.82
C LYS A 1343 -26.50 22.10 10.47
N SER A 1344 -25.84 22.97 9.69
CA SER A 1344 -24.45 22.73 9.31
C SER A 1344 -23.54 23.03 10.50
N LEU A 1345 -24.01 23.83 11.43
CA LEU A 1345 -23.28 24.05 12.68
C LEU A 1345 -23.48 22.92 13.68
N ARG A 1346 -24.65 22.28 13.70
CA ARG A 1346 -24.82 21.14 14.59
C ARG A 1346 -24.34 19.84 13.96
N THR A 1347 -23.91 19.89 12.70
CA THR A 1347 -23.10 18.78 12.20
C THR A 1347 -21.75 18.74 12.92
N LEU A 1348 -21.25 19.90 13.33
CA LEU A 1348 -19.91 20.03 13.88
C LEU A 1348 -19.79 19.49 15.31
N ARG A 1349 -20.85 18.91 15.88
CA ARG A 1349 -20.74 18.35 17.23
C ARG A 1349 -20.17 16.94 17.24
N ALA A 1350 -19.57 16.51 16.13
CA ALA A 1350 -18.82 15.28 16.05
C ALA A 1350 -17.42 15.43 16.62
N LEU A 1351 -17.08 16.64 17.06
CA LEU A 1351 -15.76 16.89 17.63
C LEU A 1351 -15.71 16.67 19.13
N ARG A 1352 -16.84 16.39 19.76
CA ARG A 1352 -16.93 16.02 21.17
C ARG A 1352 -16.02 14.89 21.65
N PRO A 1353 -15.57 13.92 20.84
CA PRO A 1353 -14.53 13.01 21.35
C PRO A 1353 -13.19 13.67 21.67
N LEU A 1354 -12.92 14.87 21.18
CA LEU A 1354 -11.62 15.49 21.40
C LEU A 1354 -11.43 16.03 22.81
N ARG A 1355 -12.49 16.03 23.62
CA ARG A 1355 -12.31 16.33 25.04
C ARG A 1355 -11.54 15.23 25.75
N ALA A 1356 -11.61 13.99 25.24
CA ALA A 1356 -10.86 12.90 25.84
C ALA A 1356 -9.41 12.92 25.40
N LEU A 1357 -9.10 13.68 24.34
CA LEU A 1357 -7.78 13.70 23.74
C LEU A 1357 -6.76 14.35 24.66
N SER A 1358 -7.24 15.17 25.58
CA SER A 1358 -6.38 15.82 26.57
C SER A 1358 -6.27 15.08 27.88
N ARG A 1359 -7.12 14.09 28.13
CA ARG A 1359 -7.21 13.57 29.48
C ARG A 1359 -6.53 12.22 29.63
N PHE A 1360 -6.59 11.37 28.61
CA PHE A 1360 -5.80 10.15 28.59
C PHE A 1360 -4.37 10.52 28.25
N GLU A 1361 -3.46 10.29 29.20
CA GLU A 1361 -2.10 10.81 29.20
C GLU A 1361 -1.32 10.33 27.99
N GLY A 1362 -1.61 9.13 27.57
CA GLY A 1362 -0.94 8.56 26.43
C GLY A 1362 -1.27 9.21 25.10
N MET A 1363 -2.56 9.51 24.86
CA MET A 1363 -2.89 10.24 23.64
C MET A 1363 -2.39 11.68 23.69
N ARG A 1364 -2.23 12.23 24.89
CA ARG A 1364 -1.55 13.52 25.03
C ARG A 1364 -0.09 13.42 24.58
N VAL A 1365 0.57 12.32 24.93
CA VAL A 1365 1.96 12.12 24.51
C VAL A 1365 2.06 11.95 23.00
N VAL A 1366 1.11 11.23 22.42
CA VAL A 1366 1.10 10.99 20.98
C VAL A 1366 0.82 12.29 20.23
N VAL A 1367 -0.14 13.09 20.70
CA VAL A 1367 -0.46 14.31 19.97
C VAL A 1367 0.61 15.37 20.20
N ASN A 1368 1.36 15.29 21.31
CA ASN A 1368 2.51 16.18 21.48
C ASN A 1368 3.62 15.82 20.50
N ALA A 1369 3.87 14.53 20.33
CA ALA A 1369 4.88 14.08 19.37
C ALA A 1369 4.48 14.43 17.94
N LEU A 1370 3.18 14.49 17.66
CA LEU A 1370 2.78 14.83 16.30
C LEU A 1370 2.68 16.34 16.09
N VAL A 1371 2.30 17.09 17.13
CA VAL A 1371 2.24 18.55 17.06
C VAL A 1371 3.63 19.16 16.94
N GLY A 1372 4.61 18.59 17.64
CA GLY A 1372 5.99 19.01 17.49
C GLY A 1372 6.50 18.85 16.08
N ALA A 1373 6.15 17.75 15.43
CA ALA A 1373 6.51 17.53 14.04
C ALA A 1373 5.36 17.90 13.10
N ILE A 1374 4.80 19.08 13.30
CA ILE A 1374 3.94 19.70 12.28
C ILE A 1374 4.70 20.53 11.23
N PRO A 1375 5.63 21.50 11.60
CA PRO A 1375 6.13 22.43 10.56
C PRO A 1375 6.94 21.80 9.43
N SER A 1376 7.51 20.62 9.66
CA SER A 1376 8.22 19.95 8.59
C SER A 1376 7.24 19.41 7.56
N ILE A 1377 6.08 18.95 8.03
CA ILE A 1377 5.06 18.34 7.19
C ILE A 1377 4.52 19.39 6.25
N MET A 1378 4.39 20.63 6.73
CA MET A 1378 3.88 21.71 5.92
C MET A 1378 4.85 22.07 4.81
N ASN A 1379 6.16 22.05 5.11
CA ASN A 1379 7.22 22.24 4.12
C ASN A 1379 7.18 21.18 3.04
N VAL A 1380 7.23 19.91 3.44
CA VAL A 1380 7.29 18.82 2.46
C VAL A 1380 5.98 18.72 1.69
N LEU A 1381 4.86 19.09 2.30
CA LEU A 1381 3.60 19.07 1.57
C LEU A 1381 3.52 20.23 0.58
N LEU A 1382 4.14 21.37 0.90
CA LEU A 1382 4.23 22.44 -0.07
C LEU A 1382 5.14 22.05 -1.24
N VAL A 1383 6.23 21.32 -0.96
CA VAL A 1383 7.10 20.88 -2.04
C VAL A 1383 6.41 19.87 -2.94
N CYS A 1384 5.66 18.94 -2.35
CA CYS A 1384 4.91 17.97 -3.14
C CYS A 1384 3.78 18.63 -3.91
N LEU A 1385 3.17 19.67 -3.36
CA LEU A 1385 2.15 20.42 -4.09
C LEU A 1385 2.73 21.17 -5.28
N ILE A 1386 3.84 21.89 -5.08
CA ILE A 1386 4.43 22.66 -6.16
C ILE A 1386 5.11 21.74 -7.17
N PHE A 1387 5.44 20.51 -6.78
CA PHE A 1387 6.05 19.59 -7.72
C PHE A 1387 5.00 18.80 -8.49
N TRP A 1388 3.85 18.50 -7.88
CA TRP A 1388 2.77 17.90 -8.65
C TRP A 1388 2.06 18.92 -9.52
N LEU A 1389 2.27 20.22 -9.25
CA LEU A 1389 1.74 21.26 -10.12
C LEU A 1389 2.26 21.14 -11.54
N ILE A 1390 3.52 20.72 -11.69
CA ILE A 1390 4.13 20.48 -12.99
C ILE A 1390 3.36 19.41 -13.76
N PHE A 1391 3.18 18.25 -13.14
CA PHE A 1391 2.48 17.18 -13.83
C PHE A 1391 1.00 17.44 -13.97
N SER A 1392 0.41 18.25 -13.11
CA SER A 1392 -1.00 18.60 -13.28
C SER A 1392 -1.20 19.53 -14.46
N ILE A 1393 -0.33 20.52 -14.64
CA ILE A 1393 -0.41 21.38 -15.82
C ILE A 1393 -0.10 20.57 -17.07
N MET A 1394 0.81 19.60 -16.98
CA MET A 1394 1.10 18.75 -18.13
C MET A 1394 -0.06 17.83 -18.45
N GLY A 1395 -0.77 17.35 -17.43
CA GLY A 1395 -1.93 16.51 -17.67
C GLY A 1395 -3.11 17.29 -18.22
N VAL A 1396 -3.25 18.54 -17.80
CA VAL A 1396 -4.28 19.41 -18.39
C VAL A 1396 -3.93 19.71 -19.84
N ASN A 1397 -2.64 19.86 -20.13
CA ASN A 1397 -2.21 20.11 -21.49
C ASN A 1397 -2.43 18.90 -22.39
N LEU A 1398 -2.27 17.71 -21.85
CA LEU A 1398 -2.41 16.49 -22.64
C LEU A 1398 -3.82 15.94 -22.72
N PHE A 1399 -4.65 16.11 -21.69
CA PHE A 1399 -5.88 15.32 -21.63
C PHE A 1399 -7.13 16.12 -21.29
N ALA A 1400 -7.18 17.42 -21.58
CA ALA A 1400 -8.35 18.21 -21.22
C ALA A 1400 -9.42 18.01 -22.27
N GLY A 1401 -10.60 17.61 -21.82
CA GLY A 1401 -11.72 17.40 -22.71
C GLY A 1401 -11.77 16.06 -23.37
N LYS A 1402 -10.70 15.29 -23.29
CA LYS A 1402 -10.57 14.04 -23.99
C LYS A 1402 -11.22 12.88 -23.26
N PHE A 1403 -11.64 13.10 -22.01
CA PHE A 1403 -12.27 12.06 -21.20
C PHE A 1403 -13.79 12.19 -21.31
N GLY A 1404 -14.29 12.35 -22.52
CA GLY A 1404 -15.71 12.56 -22.69
C GLY A 1404 -16.35 11.39 -23.41
N ARG A 1405 -17.25 10.68 -22.74
CA ARG A 1405 -17.73 9.39 -23.21
C ARG A 1405 -19.22 9.47 -23.49
N CYS A 1406 -19.66 8.88 -24.60
CA CYS A 1406 -21.07 8.79 -24.90
C CYS A 1406 -21.55 7.40 -24.50
N ILE A 1407 -22.66 7.31 -23.79
CA ILE A 1407 -23.05 6.07 -23.11
C ILE A 1407 -24.49 5.68 -23.44
N ASN A 1408 -24.63 4.45 -23.97
CA ASN A 1408 -25.88 3.70 -23.97
C ASN A 1408 -26.32 3.47 -22.53
N GLN A 1409 -27.49 4.00 -22.17
CA GLN A 1409 -27.83 4.20 -20.77
C GLN A 1409 -28.16 2.90 -20.02
N THR A 1410 -28.90 1.99 -20.67
CA THR A 1410 -29.34 0.77 -19.99
C THR A 1410 -28.15 -0.14 -19.65
N GLU A 1411 -27.11 -0.13 -20.47
CA GLU A 1411 -25.92 -0.94 -20.18
C GLU A 1411 -25.06 -0.25 -19.13
N GLY A 1412 -25.30 1.02 -18.88
CA GLY A 1412 -24.79 1.64 -17.67
C GLY A 1412 -23.42 2.28 -17.75
N ASP A 1413 -22.39 1.50 -17.99
CA ASP A 1413 -21.04 1.98 -17.77
C ASP A 1413 -20.06 1.55 -18.87
N LEU A 1414 -20.49 1.52 -20.13
CA LEU A 1414 -19.60 1.12 -21.19
C LEU A 1414 -19.54 2.18 -22.27
N PRO A 1415 -18.34 2.60 -22.69
CA PRO A 1415 -18.23 3.54 -23.81
C PRO A 1415 -18.73 2.95 -25.11
N LEU A 1416 -19.43 3.79 -25.86
CA LEU A 1416 -20.07 3.42 -27.11
C LEU A 1416 -19.05 3.22 -28.24
N ASN A 1417 -19.45 2.48 -29.26
CA ASN A 1417 -18.58 2.23 -30.39
C ASN A 1417 -18.21 3.50 -31.13
N TYR A 1418 -16.95 3.63 -31.50
CA TYR A 1418 -16.47 4.84 -32.16
C TYR A 1418 -16.77 4.88 -33.66
N THR A 1419 -17.31 3.81 -34.22
CA THR A 1419 -17.59 3.78 -35.65
C THR A 1419 -19.00 4.25 -35.96
N ILE A 1420 -19.91 4.18 -34.99
CA ILE A 1420 -21.27 4.65 -35.17
C ILE A 1420 -21.51 5.99 -34.50
N VAL A 1421 -20.74 6.30 -33.46
CA VAL A 1421 -20.69 7.64 -32.87
C VAL A 1421 -19.24 8.10 -32.88
N ASN A 1422 -18.93 9.09 -33.70
CA ASN A 1422 -17.57 9.59 -33.85
C ASN A 1422 -17.30 10.75 -32.90
N ASN A 1423 -18.05 11.83 -33.06
CA ASN A 1423 -17.92 13.06 -32.31
C ASN A 1423 -18.96 13.17 -31.21
N LYS A 1424 -18.80 14.20 -30.39
CA LYS A 1424 -19.88 14.60 -29.47
C LYS A 1424 -21.05 15.18 -30.25
N SER A 1425 -20.77 15.70 -31.45
CA SER A 1425 -21.85 16.10 -32.35
C SER A 1425 -22.73 14.93 -32.72
N GLN A 1426 -22.14 13.76 -32.94
CA GLN A 1426 -22.94 12.57 -33.25
C GLN A 1426 -23.65 12.04 -32.01
N CYS A 1427 -23.08 12.27 -30.82
CA CYS A 1427 -23.73 11.82 -29.61
C CYS A 1427 -24.95 12.66 -29.29
N GLU A 1428 -24.78 13.98 -29.22
CA GLU A 1428 -25.90 14.83 -28.85
C GLU A 1428 -26.81 15.11 -30.03
N SER A 1429 -26.42 14.67 -31.23
CA SER A 1429 -27.31 14.84 -32.37
C SER A 1429 -28.32 13.70 -32.47
N LEU A 1430 -28.00 12.55 -31.89
CA LEU A 1430 -28.85 11.38 -32.09
C LEU A 1430 -29.74 11.05 -30.89
N ASN A 1431 -30.04 11.99 -30.00
CA ASN A 1431 -31.04 11.62 -29.02
C ASN A 1431 -32.42 11.93 -29.57
N LEU A 1432 -32.87 11.16 -30.56
CA LEU A 1432 -34.30 11.14 -30.84
C LEU A 1432 -35.04 10.45 -29.71
N THR A 1433 -34.43 9.44 -29.12
CA THR A 1433 -34.82 8.88 -27.84
C THR A 1433 -33.81 9.36 -26.80
N GLY A 1434 -34.27 9.58 -25.59
CA GLY A 1434 -33.42 10.22 -24.59
C GLY A 1434 -32.39 9.32 -23.92
N GLU A 1435 -31.76 8.45 -24.69
CA GLU A 1435 -30.94 7.40 -24.11
C GLU A 1435 -29.52 7.87 -23.85
N LEU A 1436 -28.89 8.46 -24.87
CA LEU A 1436 -27.44 8.70 -24.87
C LEU A 1436 -27.06 9.84 -23.95
N TYR A 1437 -26.22 9.55 -22.95
CA TYR A 1437 -25.75 10.57 -22.03
C TYR A 1437 -24.24 10.71 -22.17
N TRP A 1438 -23.78 11.95 -22.28
CA TRP A 1438 -22.36 12.27 -22.46
C TRP A 1438 -21.78 12.62 -21.11
N THR A 1439 -21.11 11.67 -20.47
CA THR A 1439 -20.63 11.89 -19.12
C THR A 1439 -19.12 11.98 -19.13
N LYS A 1440 -18.59 12.74 -18.17
CA LYS A 1440 -17.16 12.76 -17.95
C LYS A 1440 -16.79 11.61 -17.04
N VAL A 1441 -15.56 11.12 -17.19
CA VAL A 1441 -14.96 10.32 -16.14
C VAL A 1441 -14.80 11.22 -14.94
N LYS A 1442 -15.11 10.70 -13.76
CA LYS A 1442 -15.27 11.54 -12.58
C LYS A 1442 -13.96 12.16 -12.11
N VAL A 1443 -12.82 11.61 -12.49
CA VAL A 1443 -11.53 11.99 -11.91
C VAL A 1443 -10.69 12.60 -13.04
N ASN A 1444 -11.33 13.36 -13.91
CA ASN A 1444 -10.69 13.82 -15.13
C ASN A 1444 -9.66 14.92 -14.88
N PHE A 1445 -8.88 15.21 -15.93
CA PHE A 1445 -7.94 16.32 -16.00
C PHE A 1445 -8.62 17.41 -16.82
N ASP A 1446 -9.34 18.31 -16.15
CA ASP A 1446 -9.90 19.45 -16.87
C ASP A 1446 -9.41 20.74 -16.28
N ASN A 1447 -9.48 20.85 -14.96
CA ASN A 1447 -8.95 21.98 -14.22
C ASN A 1447 -7.59 21.57 -13.69
N VAL A 1448 -6.85 22.53 -13.16
CA VAL A 1448 -5.62 22.19 -12.47
C VAL A 1448 -5.95 21.58 -11.12
N GLY A 1449 -7.07 22.01 -10.52
CA GLY A 1449 -7.48 21.43 -9.26
C GLY A 1449 -8.07 20.04 -9.40
N ALA A 1450 -8.74 19.77 -10.52
CA ALA A 1450 -9.27 18.44 -10.75
C ALA A 1450 -8.17 17.46 -11.12
N GLY A 1451 -7.11 17.97 -11.72
CA GLY A 1451 -6.00 17.14 -12.10
C GLY A 1451 -5.20 16.72 -10.89
N TYR A 1452 -5.21 17.51 -9.83
CA TYR A 1452 -4.51 17.15 -8.61
C TYR A 1452 -5.14 15.95 -7.93
N LEU A 1453 -6.46 15.82 -7.97
CA LEU A 1453 -7.10 14.65 -7.37
C LEU A 1453 -6.82 13.39 -8.18
N ALA A 1454 -6.75 13.52 -9.51
CA ALA A 1454 -6.35 12.41 -10.36
C ALA A 1454 -4.92 11.99 -10.08
N LEU A 1455 -4.03 12.95 -9.91
CA LEU A 1455 -2.66 12.64 -9.51
C LEU A 1455 -2.61 12.01 -8.13
N LEU A 1456 -3.55 12.35 -7.24
CA LEU A 1456 -3.52 11.74 -5.92
C LEU A 1456 -3.96 10.28 -6.00
N GLN A 1457 -4.96 9.98 -6.85
CA GLN A 1457 -5.37 8.59 -7.04
C GLN A 1457 -4.29 7.77 -7.73
N VAL A 1458 -3.58 8.38 -8.68
CA VAL A 1458 -2.52 7.68 -9.40
C VAL A 1458 -1.32 7.48 -8.49
N ALA A 1459 -1.02 8.44 -7.64
CA ALA A 1459 0.13 8.34 -6.76
C ALA A 1459 -0.05 7.40 -5.59
N THR A 1460 -1.26 7.27 -5.07
CA THR A 1460 -1.49 6.40 -3.90
C THR A 1460 -1.76 4.95 -4.30
N PHE A 1461 -1.65 4.70 -5.58
CA PHE A 1461 -1.85 3.42 -6.25
C PHE A 1461 -3.24 2.87 -6.05
N LYS A 1462 -4.24 3.73 -5.88
CA LYS A 1462 -5.62 3.28 -5.77
C LYS A 1462 -6.49 4.09 -6.72
N GLY A 1463 -7.08 3.43 -7.70
CA GLY A 1463 -8.03 4.07 -8.58
C GLY A 1463 -7.52 4.47 -9.94
N TRP A 1464 -6.26 4.14 -10.23
CA TRP A 1464 -5.60 4.61 -11.45
C TRP A 1464 -6.04 3.88 -12.71
N MET A 1465 -6.72 2.75 -12.56
CA MET A 1465 -7.09 1.97 -13.72
C MET A 1465 -7.99 2.81 -14.61
N ASP A 1466 -9.02 3.40 -14.04
CA ASP A 1466 -10.01 4.10 -14.86
C ASP A 1466 -9.48 5.42 -15.40
N ILE A 1467 -8.39 5.92 -14.82
CA ILE A 1467 -7.73 7.12 -15.30
C ILE A 1467 -6.86 6.77 -16.50
N MET A 1468 -6.01 5.75 -16.34
CA MET A 1468 -5.16 5.28 -17.42
C MET A 1468 -5.95 4.77 -18.60
N TYR A 1469 -7.05 4.09 -18.35
CA TYR A 1469 -7.84 3.53 -19.43
C TYR A 1469 -8.61 4.61 -20.14
N ALA A 1470 -8.87 5.74 -19.48
CA ALA A 1470 -9.48 6.87 -20.15
C ALA A 1470 -8.47 7.70 -20.88
N ALA A 1471 -7.20 7.68 -20.43
CA ALA A 1471 -6.16 8.45 -21.09
C ALA A 1471 -5.62 7.74 -22.32
N VAL A 1472 -5.41 6.43 -22.22
CA VAL A 1472 -4.90 5.60 -23.31
C VAL A 1472 -5.92 5.54 -24.42
N ASP A 1473 -7.20 5.60 -24.10
CA ASP A 1473 -8.24 5.60 -25.11
C ASP A 1473 -8.45 6.91 -25.85
N SER A 1474 -7.65 7.95 -25.57
CA SER A 1474 -7.80 9.29 -26.13
C SER A 1474 -7.80 9.34 -27.64
N ARG A 1475 -8.58 10.23 -28.24
CA ARG A 1475 -8.65 10.26 -29.69
C ARG A 1475 -8.62 11.67 -30.27
N GLY A 1476 -9.12 12.67 -29.55
CA GLY A 1476 -9.20 14.00 -30.13
C GLY A 1476 -9.40 15.08 -29.12
N TYR A 1477 -10.22 16.10 -29.39
CA TYR A 1477 -10.49 17.11 -28.35
C TYR A 1477 -11.82 16.90 -27.60
N GLU A 1478 -12.91 16.78 -28.35
CA GLU A 1478 -14.18 16.29 -27.79
C GLU A 1478 -14.73 15.28 -28.78
N GLU A 1479 -14.28 14.04 -28.66
CA GLU A 1479 -14.76 12.97 -29.53
C GLU A 1479 -14.46 11.65 -28.86
N GLN A 1480 -15.29 10.65 -29.18
CA GLN A 1480 -15.39 9.34 -28.55
C GLN A 1480 -14.06 8.64 -28.38
N PRO A 1481 -13.87 7.92 -27.30
CA PRO A 1481 -12.62 7.19 -27.13
C PRO A 1481 -12.57 5.91 -27.96
N GLN A 1482 -11.36 5.35 -28.08
CA GLN A 1482 -11.08 4.25 -28.98
C GLN A 1482 -9.96 3.42 -28.37
N TRP A 1483 -10.04 2.08 -28.51
CA TRP A 1483 -9.44 1.08 -27.64
C TRP A 1483 -7.95 1.28 -27.37
N GLU A 1484 -7.15 1.57 -28.39
CA GLU A 1484 -5.74 1.89 -28.14
C GLU A 1484 -5.24 2.99 -29.05
N TYR A 1485 -6.03 4.04 -29.28
CA TYR A 1485 -5.64 5.02 -30.29
C TYR A 1485 -4.47 5.86 -29.82
N ASN A 1486 -4.23 5.92 -28.53
CA ASN A 1486 -3.17 6.79 -28.05
C ASN A 1486 -2.30 6.03 -27.05
N LEU A 1487 -1.88 4.83 -27.46
CA LEU A 1487 -1.25 3.79 -26.64
C LEU A 1487 -0.07 4.27 -25.81
N TYR A 1488 0.76 5.13 -26.36
CA TYR A 1488 2.02 5.41 -25.66
C TYR A 1488 1.87 6.45 -24.58
N MET A 1489 0.65 6.85 -24.22
CA MET A 1489 0.46 7.75 -23.10
C MET A 1489 0.69 7.08 -21.75
N TYR A 1490 0.77 5.75 -21.72
CA TYR A 1490 1.22 4.99 -20.55
C TYR A 1490 2.55 5.46 -20.01
N ILE A 1491 3.44 5.94 -20.87
CA ILE A 1491 4.75 6.38 -20.39
C ILE A 1491 4.63 7.67 -19.59
N TYR A 1492 3.57 8.46 -19.78
CA TYR A 1492 3.35 9.65 -18.95
C TYR A 1492 3.07 9.26 -17.50
N PHE A 1493 2.22 8.27 -17.29
CA PHE A 1493 1.96 7.83 -15.94
C PHE A 1493 3.14 7.05 -15.37
N VAL A 1494 3.94 6.42 -16.23
CA VAL A 1494 5.18 5.81 -15.77
C VAL A 1494 6.15 6.87 -15.24
N ILE A 1495 6.30 7.98 -15.98
CA ILE A 1495 7.15 9.09 -15.55
C ILE A 1495 6.63 9.69 -14.26
N PHE A 1496 5.31 9.81 -14.13
CA PHE A 1496 4.76 10.36 -12.90
C PHE A 1496 4.98 9.44 -11.71
N ILE A 1497 4.79 8.13 -11.88
CA ILE A 1497 4.96 7.22 -10.75
C ILE A 1497 6.43 7.12 -10.35
N ILE A 1498 7.35 7.22 -11.31
CA ILE A 1498 8.78 7.20 -10.98
C ILE A 1498 9.19 8.48 -10.28
N PHE A 1499 8.80 9.63 -10.83
CA PHE A 1499 9.20 10.88 -10.20
C PHE A 1499 8.38 11.21 -8.98
N GLY A 1500 7.09 11.49 -9.20
CA GLY A 1500 6.19 11.99 -8.20
C GLY A 1500 6.05 11.09 -7.00
N SER A 1501 5.45 9.90 -7.16
CA SER A 1501 5.24 8.97 -6.06
C SER A 1501 6.51 8.53 -5.36
N PHE A 1502 7.47 8.02 -6.13
CA PHE A 1502 8.70 7.46 -5.59
C PHE A 1502 9.56 8.50 -4.87
N PHE A 1503 9.98 9.55 -5.57
CA PHE A 1503 10.88 10.51 -4.95
C PHE A 1503 10.15 11.39 -3.94
N THR A 1504 8.84 11.63 -4.13
CA THR A 1504 8.02 12.28 -3.13
C THR A 1504 8.02 11.50 -1.82
N LEU A 1505 7.75 10.21 -1.90
CA LEU A 1505 7.70 9.39 -0.70
C LEU A 1505 9.07 9.35 -0.03
N ASN A 1506 10.11 9.25 -0.84
CA ASN A 1506 11.49 9.23 -0.37
C ASN A 1506 11.79 10.48 0.44
N LEU A 1507 11.47 11.65 -0.13
CA LEU A 1507 11.71 12.92 0.53
C LEU A 1507 10.87 13.06 1.79
N PHE A 1508 9.63 12.58 1.72
CA PHE A 1508 8.68 12.61 2.84
C PHE A 1508 9.08 11.78 4.07
N ILE A 1509 9.56 10.56 3.84
CA ILE A 1509 10.06 9.70 4.90
C ILE A 1509 11.39 10.25 5.42
N GLY A 1510 12.21 10.77 4.49
CA GLY A 1510 13.49 11.32 4.89
C GLY A 1510 13.39 12.58 5.73
N VAL A 1511 12.33 13.37 5.53
CA VAL A 1511 12.12 14.53 6.37
C VAL A 1511 11.63 14.10 7.74
N ILE A 1512 10.61 13.26 7.79
CA ILE A 1512 10.01 12.86 9.06
C ILE A 1512 10.95 12.11 9.99
N ILE A 1513 11.76 11.20 9.46
CA ILE A 1513 12.73 10.48 10.28
C ILE A 1513 13.69 11.44 10.98
N ASP A 1514 14.20 12.42 10.23
CA ASP A 1514 15.15 13.38 10.79
C ASP A 1514 14.47 14.25 11.85
N ASN A 1515 13.20 14.58 11.64
CA ASN A 1515 12.45 15.42 12.57
C ASN A 1515 12.21 14.68 13.88
N PHE A 1516 11.80 13.41 13.78
CA PHE A 1516 11.63 12.61 14.99
C PHE A 1516 12.96 12.34 15.68
N ASN A 1517 14.04 12.26 14.91
CA ASN A 1517 15.35 11.99 15.50
C ASN A 1517 15.84 13.20 16.28
N GLN A 1518 15.68 14.40 15.71
CA GLN A 1518 16.10 15.57 16.49
C GLN A 1518 15.11 15.90 17.60
N GLN A 1519 13.84 15.46 17.48
CA GLN A 1519 12.90 15.60 18.57
C GLN A 1519 13.23 14.69 19.74
N LYS A 1520 13.67 13.47 19.45
CA LYS A 1520 14.33 12.63 20.43
C LYS A 1520 15.61 13.25 20.97
N LYS A 1521 16.36 13.97 20.14
CA LYS A 1521 17.63 14.59 20.51
C LYS A 1521 17.42 15.90 21.27
N LYS A 1522 16.20 16.18 21.72
CA LYS A 1522 15.92 17.40 22.45
C LYS A 1522 15.45 17.04 23.85
N LEU A 1523 14.93 15.82 24.00
CA LEU A 1523 14.25 15.44 25.24
C LEU A 1523 15.25 14.84 26.23
N GLY A 1524 14.72 14.30 27.32
CA GLY A 1524 15.48 13.66 28.38
C GLY A 1524 15.42 12.17 28.18
N GLY A 1525 14.47 11.50 28.84
CA GLY A 1525 14.08 10.15 28.45
C GLY A 1525 13.74 10.09 26.98
N GLN A 1526 14.60 9.40 26.22
CA GLN A 1526 14.61 9.57 24.77
C GLN A 1526 13.45 8.83 24.11
N ASP A 1527 12.77 7.97 24.87
CA ASP A 1527 11.58 7.32 24.34
C ASP A 1527 10.45 8.32 24.14
N ILE A 1528 9.97 8.40 22.91
CA ILE A 1528 8.81 9.21 22.59
C ILE A 1528 7.69 8.19 22.44
N PHE A 1529 6.45 8.65 22.31
CA PHE A 1529 5.22 7.82 22.28
C PHE A 1529 5.07 7.02 23.56
N MET A 1530 5.56 7.55 24.69
CA MET A 1530 5.72 6.80 25.92
C MET A 1530 5.28 7.65 27.11
N THR A 1531 4.28 7.16 27.83
CA THR A 1531 3.85 7.73 29.10
C THR A 1531 4.90 7.40 30.15
N GLU A 1532 4.94 8.15 31.26
CA GLU A 1532 5.99 7.99 32.28
C GLU A 1532 5.95 6.61 32.95
N GLU A 1533 4.74 6.11 33.21
CA GLU A 1533 4.61 4.80 33.86
C GLU A 1533 5.03 3.67 32.92
N GLN A 1534 4.88 3.87 31.61
CA GLN A 1534 5.35 2.85 30.68
C GLN A 1534 6.86 2.91 30.56
N LYS A 1535 7.45 4.09 30.77
CA LYS A 1535 8.90 4.19 30.87
C LYS A 1535 9.40 3.48 32.11
N LYS A 1536 8.61 3.49 33.19
CA LYS A 1536 8.96 2.69 34.36
C LYS A 1536 8.78 1.21 34.08
N TYR A 1537 7.83 0.86 33.19
CA TYR A 1537 7.63 -0.55 32.84
C TYR A 1537 8.76 -1.12 32.00
N TYR A 1538 9.33 -0.33 31.09
CA TYR A 1538 10.40 -0.85 30.22
C TYR A 1538 11.64 -1.23 31.01
N ASN A 1539 11.92 -0.50 32.09
CA ASN A 1539 13.13 -0.76 32.87
C ASN A 1539 13.04 -2.08 33.60
N ALA A 1540 11.83 -2.50 33.97
CA ALA A 1540 11.65 -3.81 34.58
C ALA A 1540 11.50 -4.89 33.53
N MET A 1541 10.94 -4.56 32.36
CA MET A 1541 10.77 -5.57 31.31
C MET A 1541 12.09 -5.93 30.63
N LYS A 1542 13.07 -5.01 30.61
CA LYS A 1542 14.36 -5.32 30.00
C LYS A 1542 15.22 -6.17 30.92
N LYS A 1543 14.81 -6.35 32.18
CA LYS A 1543 15.57 -7.19 33.10
C LYS A 1543 15.26 -8.67 32.88
N LEU A 1544 14.23 -8.97 32.10
CA LEU A 1544 13.75 -10.33 31.92
C LEU A 1544 14.73 -11.17 31.10
N GLY A 1545 15.00 -10.77 29.86
CA GLY A 1545 15.86 -11.57 29.03
C GLY A 1545 17.00 -10.83 28.35
N SER A 1546 17.99 -10.43 29.15
CA SER A 1546 19.19 -9.83 28.61
C SER A 1546 20.45 -10.54 29.09
N LYS A 1547 21.29 -10.95 28.14
CA LYS A 1547 22.63 -11.46 28.44
C LYS A 1547 22.69 -12.90 28.99
N LYS A 1548 21.58 -13.63 28.93
CA LYS A 1548 21.56 -15.01 29.41
C LYS A 1548 21.89 -15.10 30.90
N PRO A 1549 20.87 -15.41 31.70
CA PRO A 1549 21.01 -15.61 33.15
C PRO A 1549 21.83 -16.85 33.54
N GLN A 1550 22.51 -16.75 34.67
CA GLN A 1550 23.12 -17.91 35.31
C GLN A 1550 22.00 -18.83 35.81
N LYS A 1551 22.22 -20.14 35.75
CA LYS A 1551 21.15 -21.08 36.08
C LYS A 1551 21.55 -22.19 37.05
N PRO A 1552 20.60 -22.59 37.90
CA PRO A 1552 20.77 -23.74 38.79
C PRO A 1552 20.66 -25.08 38.06
N ILE A 1553 21.38 -26.10 38.53
CA ILE A 1553 21.37 -27.42 37.88
C ILE A 1553 20.58 -28.47 38.67
N PRO A 1554 19.75 -29.24 37.98
CA PRO A 1554 18.85 -30.21 38.62
C PRO A 1554 19.61 -31.32 39.36
N ARG A 1555 19.03 -31.85 40.43
CA ARG A 1555 19.69 -32.87 41.23
C ARG A 1555 18.70 -34.00 41.53
N PRO A 1556 19.11 -35.25 41.57
CA PRO A 1556 18.21 -36.33 42.00
C PRO A 1556 17.80 -36.22 43.46
N LEU A 1557 16.62 -36.77 43.75
CA LEU A 1557 16.05 -36.76 45.08
C LEU A 1557 15.96 -38.20 45.55
N ASN A 1558 15.38 -39.10 44.76
CA ASN A 1558 15.07 -40.46 45.14
C ASN A 1558 15.71 -41.44 44.16
N LYS A 1559 15.47 -42.73 44.42
CA LYS A 1559 15.80 -43.80 43.50
C LYS A 1559 14.67 -44.06 42.51
N TYR A 1560 13.43 -43.75 42.89
CA TYR A 1560 12.28 -44.03 42.05
C TYR A 1560 12.25 -43.13 40.82
N GLN A 1561 12.07 -41.83 41.04
CA GLN A 1561 11.97 -40.89 39.93
C GLN A 1561 13.35 -40.42 39.50
N GLY A 1562 14.38 -40.80 40.26
CA GLY A 1562 15.73 -40.34 40.05
C GLY A 1562 16.38 -40.78 38.76
N PHE A 1563 15.90 -41.88 38.18
CA PHE A 1563 16.48 -42.35 36.93
C PHE A 1563 15.66 -41.88 35.74
N ILE A 1564 14.51 -41.27 35.99
CA ILE A 1564 13.58 -40.85 34.94
C ILE A 1564 14.15 -39.64 34.20
N PHE A 1565 14.65 -38.66 34.95
CA PHE A 1565 15.19 -37.48 34.27
C PHE A 1565 16.53 -37.77 33.61
N ASP A 1566 17.15 -38.92 33.86
CA ASP A 1566 18.30 -39.35 33.08
C ASP A 1566 17.91 -39.55 31.62
N ILE A 1567 16.67 -39.97 31.39
CA ILE A 1567 16.10 -40.06 30.06
C ILE A 1567 15.53 -38.71 29.62
N VAL A 1568 14.96 -37.95 30.56
CA VAL A 1568 14.23 -36.73 30.19
C VAL A 1568 15.15 -35.56 29.86
N THR A 1569 16.13 -35.25 30.71
CA THR A 1569 16.87 -33.99 30.63
C THR A 1569 17.91 -33.98 29.52
N LYS A 1570 18.07 -35.11 28.82
CA LYS A 1570 18.93 -35.24 27.64
C LYS A 1570 18.61 -34.21 26.56
N GLN A 1571 19.62 -33.83 25.79
CA GLN A 1571 19.42 -32.96 24.64
C GLN A 1571 18.75 -33.67 23.48
N ALA A 1572 18.89 -34.99 23.38
CA ALA A 1572 18.25 -35.78 22.34
C ALA A 1572 16.75 -35.87 22.54
N PHE A 1573 16.29 -35.88 23.79
CA PHE A 1573 14.86 -35.94 24.06
C PHE A 1573 14.19 -34.63 23.67
N ASP A 1574 14.89 -33.50 23.87
CA ASP A 1574 14.31 -32.19 23.60
C ASP A 1574 14.11 -31.98 22.10
N VAL A 1575 15.11 -32.34 21.30
CA VAL A 1575 14.91 -32.26 19.85
C VAL A 1575 14.01 -33.37 19.33
N THR A 1576 13.86 -34.48 20.07
CA THR A 1576 12.86 -35.47 19.71
C THR A 1576 11.46 -34.89 19.82
N ILE A 1577 11.18 -34.18 20.91
CA ILE A 1577 9.90 -33.50 21.05
C ILE A 1577 9.78 -32.38 20.02
N MET A 1578 10.88 -31.70 19.72
CA MET A 1578 10.85 -30.56 18.80
C MET A 1578 10.60 -30.98 17.35
N PHE A 1579 11.05 -32.16 16.93
CA PHE A 1579 10.69 -32.65 15.59
C PHE A 1579 9.50 -33.59 15.60
N LEU A 1580 9.01 -33.97 16.76
CA LEU A 1580 7.73 -34.67 16.83
C LEU A 1580 6.58 -33.68 16.72
N ILE A 1581 6.76 -32.48 17.27
CA ILE A 1581 5.70 -31.47 17.21
C ILE A 1581 5.59 -30.84 15.82
N CYS A 1582 6.65 -30.87 15.00
CA CYS A 1582 6.50 -30.45 13.61
C CYS A 1582 5.67 -31.46 12.82
N LEU A 1583 5.78 -32.74 13.15
CA LEU A 1583 4.91 -33.74 12.54
C LEU A 1583 3.48 -33.54 13.01
N ASN A 1584 3.30 -33.10 14.26
CA ASN A 1584 1.98 -32.73 14.74
C ASN A 1584 1.46 -31.47 14.03
N MET A 1585 2.34 -30.61 13.53
CA MET A 1585 1.87 -29.52 12.68
C MET A 1585 1.44 -30.02 11.30
N VAL A 1586 2.22 -30.95 10.75
CA VAL A 1586 1.93 -31.49 9.41
C VAL A 1586 0.61 -32.23 9.40
N THR A 1587 0.28 -32.94 10.48
CA THR A 1587 -1.03 -33.58 10.54
C THR A 1587 -2.18 -32.59 10.70
N MET A 1588 -1.88 -31.34 11.04
CA MET A 1588 -2.90 -30.28 10.98
C MET A 1588 -3.01 -29.68 9.60
N MET A 1589 -1.91 -29.64 8.84
CA MET A 1589 -1.92 -29.02 7.52
C MET A 1589 -2.73 -29.80 6.49
N VAL A 1590 -2.93 -31.11 6.67
CA VAL A 1590 -3.45 -31.95 5.59
C VAL A 1590 -4.97 -31.94 5.49
N GLU A 1591 -5.64 -31.05 6.22
CA GLU A 1591 -7.10 -31.07 6.27
C GLU A 1591 -7.68 -30.36 5.05
N THR A 1592 -8.87 -30.79 4.62
CA THR A 1592 -9.49 -30.25 3.43
C THR A 1592 -10.98 -30.07 3.73
N ASP A 1593 -11.71 -29.47 2.79
CA ASP A 1593 -13.16 -29.32 2.90
C ASP A 1593 -13.88 -30.29 1.97
N ASP A 1594 -14.99 -30.87 2.47
CA ASP A 1594 -15.77 -31.92 1.80
C ASP A 1594 -14.91 -33.13 1.43
N GLN A 1595 -14.17 -33.64 2.41
CA GLN A 1595 -13.08 -34.57 2.15
C GLN A 1595 -13.52 -35.93 1.64
N SER A 1596 -13.94 -36.78 2.59
CA SER A 1596 -14.46 -38.14 2.50
C SER A 1596 -14.69 -38.56 3.94
N PRO A 1597 -15.64 -39.46 4.24
CA PRO A 1597 -15.76 -39.95 5.63
C PRO A 1597 -14.62 -40.86 6.05
N GLU A 1598 -13.84 -41.35 5.10
CA GLU A 1598 -12.66 -42.16 5.37
C GLU A 1598 -11.60 -41.38 6.15
N LYS A 1599 -11.51 -40.07 5.95
CA LYS A 1599 -10.37 -39.28 6.41
C LYS A 1599 -10.54 -38.73 7.82
N ILE A 1600 -11.75 -38.27 8.15
CA ILE A 1600 -12.08 -37.71 9.46
C ILE A 1600 -11.82 -38.73 10.56
N ASN A 1601 -12.10 -40.00 10.29
CA ASN A 1601 -11.97 -41.04 11.31
C ASN A 1601 -10.50 -41.28 11.67
N ILE A 1602 -9.64 -41.45 10.66
CA ILE A 1602 -8.22 -41.67 10.89
C ILE A 1602 -7.58 -40.44 11.51
N LEU A 1603 -7.96 -39.25 11.04
CA LEU A 1603 -7.33 -38.02 11.49
C LEU A 1603 -7.74 -37.73 12.94
N ALA A 1604 -8.99 -38.05 13.29
CA ALA A 1604 -9.44 -37.89 14.67
C ALA A 1604 -8.85 -38.96 15.58
N LYS A 1605 -8.51 -40.14 15.05
CA LYS A 1605 -7.85 -41.11 15.91
C LYS A 1605 -6.42 -40.69 16.21
N ILE A 1606 -5.70 -40.17 15.21
CA ILE A 1606 -4.32 -39.77 15.48
C ILE A 1606 -4.26 -38.44 16.24
N ASN A 1607 -5.36 -37.66 16.19
CA ASN A 1607 -5.54 -36.49 17.05
C ASN A 1607 -5.37 -36.83 18.51
N LEU A 1608 -6.08 -37.86 18.99
CA LEU A 1608 -5.95 -38.27 20.38
C LEU A 1608 -4.60 -38.91 20.66
N LEU A 1609 -3.99 -39.50 19.64
CA LEU A 1609 -2.70 -40.17 19.79
C LEU A 1609 -1.59 -39.18 20.13
N PHE A 1610 -1.53 -38.07 19.39
CA PHE A 1610 -0.54 -37.03 19.71
C PHE A 1610 -0.75 -36.42 21.08
N VAL A 1611 -2.01 -36.16 21.45
CA VAL A 1611 -2.34 -35.63 22.77
C VAL A 1611 -1.92 -36.62 23.85
N ALA A 1612 -2.06 -37.92 23.58
CA ALA A 1612 -1.61 -38.94 24.50
C ALA A 1612 -0.10 -38.92 24.69
N ILE A 1613 0.65 -38.74 23.59
CA ILE A 1613 2.12 -38.64 23.68
C ILE A 1613 2.53 -37.43 24.52
N PHE A 1614 1.91 -36.28 24.27
CA PHE A 1614 2.32 -35.06 24.95
C PHE A 1614 1.88 -35.06 26.42
N THR A 1615 0.70 -35.60 26.71
CA THR A 1615 0.28 -35.73 28.11
C THR A 1615 1.15 -36.73 28.85
N GLY A 1616 1.63 -37.76 28.14
CA GLY A 1616 2.53 -38.72 28.76
C GLY A 1616 3.84 -38.09 29.17
N GLU A 1617 4.50 -37.39 28.22
CA GLU A 1617 5.76 -36.72 28.57
C GLU A 1617 5.54 -35.56 29.53
N CYS A 1618 4.34 -34.97 29.53
CA CYS A 1618 3.97 -33.94 30.51
C CYS A 1618 3.97 -34.49 31.92
N ILE A 1619 3.22 -35.58 32.17
CA ILE A 1619 3.17 -36.20 33.49
C ILE A 1619 4.55 -36.75 33.89
N VAL A 1620 5.32 -37.25 32.91
CA VAL A 1620 6.68 -37.71 33.19
C VAL A 1620 7.55 -36.57 33.68
N LYS A 1621 7.49 -35.40 33.04
CA LYS A 1621 8.33 -34.29 33.48
C LYS A 1621 7.80 -33.64 34.76
N LEU A 1622 6.48 -33.70 35.01
CA LEU A 1622 5.95 -33.26 36.30
C LEU A 1622 6.46 -34.13 37.45
N ALA A 1623 6.35 -35.45 37.31
CA ALA A 1623 6.79 -36.32 38.39
C ALA A 1623 8.31 -36.43 38.45
N ALA A 1624 9.00 -36.03 37.39
CA ALA A 1624 10.46 -36.15 37.37
C ALA A 1624 11.11 -35.07 38.21
N LEU A 1625 10.50 -33.89 38.28
CA LEU A 1625 11.05 -32.77 39.05
C LEU A 1625 9.93 -32.15 39.87
N ARG A 1626 10.13 -32.05 41.19
CA ARG A 1626 9.03 -31.61 42.05
C ARG A 1626 8.84 -30.10 42.03
N HIS A 1627 9.83 -29.35 42.52
CA HIS A 1627 9.73 -27.90 42.47
C HIS A 1627 10.42 -27.36 41.22
N TYR A 1628 11.26 -28.18 40.59
CA TYR A 1628 12.02 -27.76 39.43
C TYR A 1628 11.20 -27.75 38.14
N TYR A 1629 9.92 -28.12 38.23
CA TYR A 1629 9.06 -28.05 37.04
C TYR A 1629 8.67 -26.60 36.76
N PHE A 1630 7.99 -25.96 37.72
CA PHE A 1630 7.37 -24.67 37.48
C PHE A 1630 8.38 -23.54 37.70
N THR A 1631 9.39 -23.47 36.83
CA THR A 1631 10.44 -22.48 37.01
C THR A 1631 10.68 -21.69 35.73
N ASN A 1632 10.63 -22.36 34.58
CA ASN A 1632 11.23 -21.83 33.37
C ASN A 1632 10.28 -20.86 32.65
N SER A 1633 9.01 -20.86 33.06
CA SER A 1633 7.91 -20.02 32.56
C SER A 1633 7.50 -20.34 31.12
N TRP A 1634 8.24 -21.23 30.44
CA TRP A 1634 7.72 -21.89 29.26
C TRP A 1634 7.06 -23.20 29.64
N ASN A 1635 7.56 -23.81 30.72
CA ASN A 1635 7.07 -25.11 31.12
C ASN A 1635 5.70 -25.01 31.77
N ILE A 1636 5.38 -23.82 32.30
CA ILE A 1636 4.02 -23.53 32.74
C ILE A 1636 3.09 -23.48 31.53
N PHE A 1637 3.52 -22.78 30.47
CA PHE A 1637 2.81 -22.70 29.19
C PHE A 1637 2.61 -24.07 28.59
N ASP A 1638 3.57 -24.97 28.80
CA ASP A 1638 3.46 -26.33 28.29
C ASP A 1638 2.32 -27.10 28.96
N PHE A 1639 2.21 -27.00 30.29
CA PHE A 1639 1.12 -27.66 30.99
C PHE A 1639 -0.22 -27.01 30.67
N VAL A 1640 -0.23 -25.69 30.46
CA VAL A 1640 -1.44 -25.00 30.02
C VAL A 1640 -1.91 -25.53 28.67
N VAL A 1641 -0.97 -25.73 27.75
CA VAL A 1641 -1.33 -26.27 26.44
C VAL A 1641 -1.80 -27.71 26.55
N VAL A 1642 -1.26 -28.46 27.52
CA VAL A 1642 -1.72 -29.82 27.79
C VAL A 1642 -3.17 -29.83 28.27
N ILE A 1643 -3.53 -28.97 29.23
CA ILE A 1643 -4.89 -29.01 29.76
C ILE A 1643 -5.88 -28.39 28.76
N LEU A 1644 -5.41 -27.45 27.93
CA LEU A 1644 -6.22 -26.96 26.81
C LEU A 1644 -6.52 -28.07 25.82
N SER A 1645 -5.53 -28.90 25.52
CA SER A 1645 -5.73 -30.05 24.65
C SER A 1645 -6.69 -31.06 25.27
N ILE A 1646 -6.60 -31.25 26.59
CA ILE A 1646 -7.51 -32.17 27.30
C ILE A 1646 -8.96 -31.72 27.15
N VAL A 1647 -9.22 -30.44 27.44
CA VAL A 1647 -10.59 -29.91 27.34
C VAL A 1647 -11.07 -29.94 25.88
N GLY A 1648 -10.18 -29.60 24.95
CA GLY A 1648 -10.53 -29.62 23.53
C GLY A 1648 -10.86 -31.00 23.00
N THR A 1649 -10.22 -32.04 23.53
CA THR A 1649 -10.61 -33.40 23.16
C THR A 1649 -11.89 -33.86 23.83
N VAL A 1650 -12.09 -33.55 25.11
CA VAL A 1650 -13.20 -34.16 25.84
C VAL A 1650 -14.52 -33.44 25.53
N LEU A 1651 -14.49 -32.12 25.44
CA LEU A 1651 -15.72 -31.38 25.28
C LEU A 1651 -16.43 -31.82 24.00
N SER A 1652 -15.65 -32.12 22.96
CA SER A 1652 -16.17 -32.31 21.62
C SER A 1652 -17.41 -33.18 21.60
N ASP A 1653 -17.61 -34.00 22.63
CA ASP A 1653 -18.72 -34.95 22.69
C ASP A 1653 -20.00 -34.36 23.26
N ILE A 1654 -20.02 -33.06 23.60
CA ILE A 1654 -21.17 -32.45 24.25
C ILE A 1654 -21.96 -31.58 23.28
N ILE A 1655 -21.47 -31.43 22.04
CA ILE A 1655 -22.03 -30.46 21.10
C ILE A 1655 -23.41 -30.88 20.58
N GLN A 1656 -23.76 -32.16 20.71
CA GLN A 1656 -24.88 -32.71 19.96
C GLN A 1656 -26.22 -32.27 20.56
N LYS A 1657 -26.28 -32.07 21.87
CA LYS A 1657 -27.52 -31.67 22.55
C LYS A 1657 -27.68 -30.16 22.64
N TYR A 1658 -27.02 -29.41 21.75
CA TYR A 1658 -26.92 -27.96 21.83
C TYR A 1658 -27.56 -27.27 20.63
N PHE A 1659 -27.31 -25.96 20.50
CA PHE A 1659 -27.81 -25.16 19.38
C PHE A 1659 -26.98 -25.39 18.13
N PHE A 1660 -27.15 -24.55 17.10
CA PHE A 1660 -26.48 -24.72 15.82
C PHE A 1660 -24.96 -24.57 15.97
N SER A 1661 -24.22 -25.55 15.47
CA SER A 1661 -22.78 -25.44 15.63
C SER A 1661 -21.99 -25.66 14.34
N PRO A 1662 -22.03 -24.74 13.37
CA PRO A 1662 -21.01 -24.79 12.33
C PRO A 1662 -19.76 -24.07 12.79
N THR A 1663 -19.89 -23.29 13.87
CA THR A 1663 -18.84 -22.38 14.30
C THR A 1663 -18.54 -22.42 15.80
N LEU A 1664 -19.39 -23.03 16.62
CA LEU A 1664 -19.06 -23.10 18.04
C LEU A 1664 -17.98 -24.14 18.29
N PHE A 1665 -17.97 -25.21 17.51
CA PHE A 1665 -16.95 -26.24 17.66
C PHE A 1665 -15.60 -25.75 17.17
N ARG A 1666 -15.60 -24.75 16.28
CA ARG A 1666 -14.38 -24.23 15.69
C ARG A 1666 -13.53 -23.49 16.73
N VAL A 1667 -14.17 -22.68 17.57
CA VAL A 1667 -13.46 -21.87 18.54
C VAL A 1667 -12.92 -22.74 19.67
N ILE A 1668 -13.51 -23.92 19.89
CA ILE A 1668 -12.93 -24.94 20.75
C ILE A 1668 -11.77 -25.66 20.07
N ARG A 1669 -11.90 -25.95 18.78
CA ARG A 1669 -10.91 -26.67 18.00
C ARG A 1669 -9.63 -25.85 17.78
N LEU A 1670 -9.74 -24.52 17.84
CA LEU A 1670 -8.56 -23.66 17.68
C LEU A 1670 -7.55 -23.80 18.80
N ALA A 1671 -7.91 -24.41 19.94
CA ALA A 1671 -6.99 -24.46 21.06
C ALA A 1671 -5.89 -25.49 20.88
N ARG A 1672 -5.95 -26.30 19.81
CA ARG A 1672 -4.86 -27.20 19.49
C ARG A 1672 -3.68 -26.46 18.86
N ILE A 1673 -3.89 -25.21 18.43
CA ILE A 1673 -2.86 -24.42 17.77
C ILE A 1673 -1.94 -23.87 18.87
N GLY A 1674 -2.35 -24.00 20.12
CA GLY A 1674 -1.46 -23.71 21.24
C GLY A 1674 -0.26 -24.64 21.32
N ARG A 1675 -0.35 -25.84 20.70
CA ARG A 1675 0.83 -26.69 20.59
C ARG A 1675 1.87 -26.06 19.67
N ILE A 1676 1.43 -25.41 18.59
CA ILE A 1676 2.32 -24.85 17.58
C ILE A 1676 3.21 -23.77 18.18
N LEU A 1677 2.69 -23.05 19.17
CA LEU A 1677 3.49 -22.05 19.86
C LEU A 1677 4.50 -22.64 20.85
N ARG A 1678 4.66 -23.96 20.89
CA ARG A 1678 5.78 -24.54 21.62
C ARG A 1678 7.01 -24.70 20.75
N LEU A 1679 6.90 -24.48 19.44
CA LEU A 1679 8.06 -24.55 18.56
C LEU A 1679 9.01 -23.39 18.77
N ILE A 1680 8.54 -22.27 19.32
CA ILE A 1680 9.41 -21.14 19.49
C ILE A 1680 10.34 -21.32 20.67
N ARG A 1681 10.11 -22.32 21.51
CA ARG A 1681 11.08 -22.69 22.55
C ARG A 1681 12.24 -23.41 21.87
N GLY A 1682 13.30 -22.66 21.57
CA GLY A 1682 14.46 -23.26 20.97
C GLY A 1682 14.97 -22.56 19.73
N ALA A 1683 14.15 -21.67 19.16
CA ALA A 1683 14.54 -20.88 17.98
C ALA A 1683 14.88 -19.48 18.45
N LYS A 1684 16.17 -19.16 18.50
CA LYS A 1684 16.60 -17.88 19.04
C LYS A 1684 16.30 -16.74 18.07
N GLY A 1685 16.26 -17.04 16.78
CA GLY A 1685 15.98 -16.02 15.78
C GLY A 1685 14.51 -15.65 15.77
N ILE A 1686 13.68 -16.42 16.46
CA ILE A 1686 12.27 -16.08 16.59
C ILE A 1686 11.99 -15.50 17.97
N ARG A 1687 12.60 -16.06 19.01
CA ARG A 1687 12.43 -15.55 20.37
C ARG A 1687 12.97 -14.12 20.50
N THR A 1688 14.14 -13.85 19.92
CA THR A 1688 14.72 -12.52 19.97
C THR A 1688 13.84 -11.52 19.24
N LEU A 1689 13.43 -11.87 18.03
CA LEU A 1689 12.75 -10.92 17.17
C LEU A 1689 11.28 -10.80 17.54
N LEU A 1690 10.78 -11.73 18.36
CA LEU A 1690 9.41 -11.63 18.85
C LEU A 1690 9.35 -10.92 20.19
N PHE A 1691 10.40 -11.07 21.00
CA PHE A 1691 10.50 -10.26 22.21
C PHE A 1691 10.74 -8.81 21.86
N ALA A 1692 11.30 -8.55 20.67
CA ALA A 1692 11.37 -7.19 20.15
C ALA A 1692 9.99 -6.57 19.90
N LEU A 1693 8.94 -7.36 19.67
CA LEU A 1693 7.57 -6.81 19.65
C LEU A 1693 6.92 -6.83 21.02
N MET A 1694 7.20 -7.85 21.83
CA MET A 1694 6.65 -7.92 23.19
C MET A 1694 7.15 -6.77 24.05
N MET A 1695 8.34 -6.28 23.73
CA MET A 1695 8.89 -5.05 24.25
C MET A 1695 8.32 -3.83 23.52
N SER A 1696 7.62 -4.01 22.40
CA SER A 1696 7.15 -2.85 21.65
C SER A 1696 5.64 -2.66 21.77
N LEU A 1697 4.95 -3.54 22.49
CA LEU A 1697 3.50 -3.41 22.69
C LEU A 1697 2.99 -2.09 23.28
N PRO A 1698 3.62 -1.44 24.33
CA PRO A 1698 2.99 -0.24 24.89
C PRO A 1698 2.90 0.96 23.96
N ALA A 1699 3.94 1.24 23.17
CA ALA A 1699 3.87 2.33 22.20
C ALA A 1699 2.88 2.01 21.09
N LEU A 1700 2.83 0.75 20.67
CA LEU A 1700 1.84 0.31 19.69
C LEU A 1700 0.43 0.46 20.24
N PHE A 1701 0.24 0.20 21.53
CA PHE A 1701 -1.06 0.38 22.15
C PHE A 1701 -1.41 1.85 22.25
N ASN A 1702 -0.41 2.69 22.47
CA ASN A 1702 -0.67 4.09 22.71
C ASN A 1702 -1.01 4.83 21.41
N ILE A 1703 -0.37 4.46 20.31
CA ILE A 1703 -0.71 5.02 19.02
C ILE A 1703 -2.10 4.54 18.62
N GLY A 1704 -2.43 3.31 19.02
CA GLY A 1704 -3.69 2.68 18.69
C GLY A 1704 -4.90 3.38 19.26
N LEU A 1705 -4.77 3.97 20.45
CA LEU A 1705 -5.86 4.74 21.04
C LEU A 1705 -6.21 5.94 20.19
N LEU A 1706 -5.19 6.71 19.81
CA LEU A 1706 -5.36 7.85 18.92
C LEU A 1706 -5.89 7.43 17.55
N LEU A 1707 -5.47 6.27 17.07
CA LEU A 1707 -5.97 5.76 15.79
C LEU A 1707 -7.45 5.45 15.85
N PHE A 1708 -7.88 4.75 16.90
CA PHE A 1708 -9.30 4.47 17.11
C PHE A 1708 -10.10 5.74 17.30
N LEU A 1709 -9.51 6.74 17.97
CA LEU A 1709 -10.21 7.99 18.25
C LEU A 1709 -10.46 8.78 16.97
N VAL A 1710 -9.44 8.88 16.12
CA VAL A 1710 -9.59 9.54 14.83
C VAL A 1710 -10.57 8.77 13.95
N MET A 1711 -10.51 7.43 14.03
CA MET A 1711 -11.45 6.58 13.32
C MET A 1711 -12.88 6.84 13.76
N PHE A 1712 -13.05 7.08 15.06
CA PHE A 1712 -14.35 7.35 15.66
C PHE A 1712 -14.91 8.69 15.17
N ILE A 1713 -14.06 9.71 15.15
CA ILE A 1713 -14.49 11.05 14.75
C ILE A 1713 -14.87 11.07 13.27
N TYR A 1714 -14.07 10.43 12.42
CA TYR A 1714 -14.44 10.37 11.00
C TYR A 1714 -15.65 9.48 10.76
N SER A 1715 -15.87 8.47 11.60
CA SER A 1715 -17.07 7.67 11.49
C SER A 1715 -18.32 8.48 11.76
N ILE A 1716 -18.27 9.37 12.75
CA ILE A 1716 -19.44 10.19 13.03
C ILE A 1716 -19.68 11.26 11.97
N PHE A 1717 -18.62 11.93 11.48
CA PHE A 1717 -18.78 12.88 10.36
C PHE A 1717 -19.33 12.20 9.11
N GLY A 1718 -18.81 11.02 8.78
CA GLY A 1718 -19.31 10.32 7.61
C GLY A 1718 -20.73 9.81 7.79
N MET A 1719 -21.05 9.29 8.96
CA MET A 1719 -22.40 8.81 9.23
C MET A 1719 -23.40 9.95 9.25
N ALA A 1720 -22.97 11.15 9.61
CA ALA A 1720 -23.79 12.34 9.47
C ALA A 1720 -23.95 12.80 8.03
N ASN A 1721 -22.89 12.73 7.23
CA ASN A 1721 -22.92 13.29 5.88
C ASN A 1721 -23.27 12.28 4.79
N PHE A 1722 -22.69 11.08 4.84
CA PHE A 1722 -22.65 10.20 3.68
C PHE A 1722 -23.75 9.17 3.67
N ALA A 1723 -24.62 9.16 4.68
CA ALA A 1723 -25.81 8.35 4.64
C ALA A 1723 -26.70 8.81 3.50
N TYR A 1724 -27.50 7.87 2.99
CA TYR A 1724 -28.39 8.07 1.86
C TYR A 1724 -27.66 8.55 0.61
N VAL A 1725 -26.54 7.94 0.26
CA VAL A 1725 -25.97 8.12 -1.07
C VAL A 1725 -26.42 6.94 -1.91
N LYS A 1726 -26.28 7.04 -3.22
CA LYS A 1726 -26.56 5.92 -4.10
C LYS A 1726 -25.52 4.85 -3.83
N TRP A 1727 -25.88 3.60 -4.03
CA TRP A 1727 -24.98 2.48 -3.77
C TRP A 1727 -24.42 1.99 -5.10
N GLU A 1728 -23.10 1.85 -5.20
CA GLU A 1728 -22.53 1.34 -6.44
C GLU A 1728 -21.13 0.72 -6.35
N ALA A 1729 -20.12 1.47 -6.75
CA ALA A 1729 -18.78 0.93 -6.92
C ALA A 1729 -18.15 0.41 -5.64
N GLY A 1730 -18.33 1.14 -4.56
CA GLY A 1730 -17.66 0.87 -3.31
C GLY A 1730 -18.60 0.79 -2.12
N ILE A 1731 -19.82 1.27 -2.28
CA ILE A 1731 -20.79 1.36 -1.20
C ILE A 1731 -21.90 0.37 -1.52
N ASP A 1732 -21.81 -0.82 -0.96
CA ASP A 1732 -22.84 -1.85 -1.11
C ASP A 1732 -23.75 -1.84 0.11
N ASP A 1733 -24.60 -2.84 0.27
CA ASP A 1733 -25.58 -2.86 1.35
C ASP A 1733 -25.00 -3.17 2.71
N MET A 1734 -23.71 -3.46 2.80
CA MET A 1734 -23.14 -3.86 4.07
C MET A 1734 -21.86 -3.12 4.42
N PHE A 1735 -21.30 -2.37 3.48
CA PHE A 1735 -20.18 -1.49 3.74
C PHE A 1735 -20.62 -0.09 3.31
N ASN A 1736 -21.25 0.61 4.23
CA ASN A 1736 -21.90 1.88 3.95
C ASN A 1736 -21.87 2.73 5.20
N PHE A 1737 -22.21 4.00 5.05
CA PHE A 1737 -22.31 4.91 6.18
C PHE A 1737 -23.75 5.08 6.63
N GLN A 1738 -24.40 3.98 7.02
CA GLN A 1738 -25.77 4.04 7.53
C GLN A 1738 -25.88 3.72 9.00
N THR A 1739 -24.90 3.07 9.59
CA THR A 1739 -24.87 2.90 11.02
C THR A 1739 -23.41 2.89 11.45
N PHE A 1740 -23.20 2.89 12.76
CA PHE A 1740 -21.84 2.97 13.28
C PHE A 1740 -21.04 1.70 13.01
N ALA A 1741 -21.68 0.54 13.16
CA ALA A 1741 -21.00 -0.72 12.90
C ALA A 1741 -20.61 -0.84 11.44
N ASN A 1742 -21.49 -0.41 10.53
CA ASN A 1742 -21.11 -0.40 9.12
C ASN A 1742 -20.13 0.69 8.76
N SER A 1743 -19.94 1.69 9.61
CA SER A 1743 -19.04 2.78 9.26
C SER A 1743 -17.62 2.49 9.71
N MET A 1744 -17.49 1.84 10.87
CA MET A 1744 -16.21 1.37 11.37
C MET A 1744 -15.48 0.48 10.38
N LEU A 1745 -16.22 -0.33 9.61
CA LEU A 1745 -15.62 -1.28 8.69
C LEU A 1745 -15.05 -0.58 7.44
N CYS A 1746 -15.79 0.39 6.90
CA CYS A 1746 -15.30 1.19 5.78
C CYS A 1746 -14.07 2.00 6.18
N LEU A 1747 -14.10 2.61 7.36
CA LEU A 1747 -12.93 3.39 7.75
C LEU A 1747 -11.76 2.50 8.12
N PHE A 1748 -12.02 1.25 8.52
CA PHE A 1748 -10.92 0.33 8.75
C PHE A 1748 -10.25 -0.10 7.45
N GLN A 1749 -11.01 -0.24 6.38
CA GLN A 1749 -10.33 -0.62 5.13
C GLN A 1749 -9.62 0.59 4.53
N ILE A 1750 -10.11 1.81 4.82
CA ILE A 1750 -9.42 3.00 4.31
C ILE A 1750 -8.22 3.39 5.19
N THR A 1751 -8.16 2.91 6.43
CA THR A 1751 -6.99 3.13 7.29
C THR A 1751 -5.70 2.61 6.68
N THR A 1752 -5.76 1.54 5.89
CA THR A 1752 -4.60 1.06 5.15
C THR A 1752 -4.58 1.59 3.71
N SER A 1753 -5.33 2.66 3.45
CA SER A 1753 -5.48 3.29 2.14
C SER A 1753 -6.04 2.36 1.08
N ALA A 1754 -6.69 1.27 1.49
CA ALA A 1754 -7.02 0.19 0.57
C ALA A 1754 -8.40 0.43 0.00
N GLY A 1755 -8.47 0.95 -1.21
CA GLY A 1755 -9.74 1.01 -1.88
C GLY A 1755 -10.61 2.18 -1.50
N TRP A 1756 -10.02 3.34 -1.25
CA TRP A 1756 -10.79 4.55 -0.95
C TRP A 1756 -11.28 5.18 -2.24
N ASP A 1757 -10.76 4.71 -3.37
CA ASP A 1757 -11.22 5.16 -4.68
C ASP A 1757 -12.66 4.81 -4.95
N GLY A 1758 -13.14 3.69 -4.41
CA GLY A 1758 -14.50 3.26 -4.68
C GLY A 1758 -15.51 3.85 -3.72
N LEU A 1759 -15.07 4.29 -2.56
CA LEU A 1759 -15.98 4.99 -1.67
C LEU A 1759 -16.27 6.39 -2.18
N LEU A 1760 -15.26 7.09 -2.69
CA LEU A 1760 -15.41 8.46 -3.16
C LEU A 1760 -16.21 8.54 -4.46
N SER A 1761 -16.18 7.50 -5.28
CA SER A 1761 -16.79 7.60 -6.60
C SER A 1761 -18.30 7.76 -6.64
N PRO A 1762 -19.11 7.27 -5.70
CA PRO A 1762 -20.52 7.71 -5.67
C PRO A 1762 -20.74 9.04 -4.97
N ILE A 1763 -19.86 9.42 -4.03
CA ILE A 1763 -19.99 10.70 -3.34
C ILE A 1763 -19.80 11.87 -4.29
N LEU A 1764 -19.04 11.71 -5.36
CA LEU A 1764 -18.83 12.79 -6.32
C LEU A 1764 -19.97 12.95 -7.31
N ASN A 1765 -21.14 12.39 -7.04
CA ASN A 1765 -22.21 12.46 -8.00
C ASN A 1765 -22.94 13.80 -7.95
N THR A 1766 -23.94 13.92 -8.82
CA THR A 1766 -24.70 15.12 -9.06
C THR A 1766 -26.00 14.66 -9.70
N GLY A 1767 -26.71 15.57 -10.37
CA GLY A 1767 -27.86 15.20 -11.18
C GLY A 1767 -27.60 14.15 -12.26
N PRO A 1768 -28.66 13.76 -12.98
CA PRO A 1768 -28.65 12.50 -13.71
C PRO A 1768 -27.71 12.55 -14.90
N PRO A 1769 -27.08 11.41 -15.27
CA PRO A 1769 -27.17 10.10 -14.63
C PRO A 1769 -26.27 9.97 -13.40
N TYR A 1770 -26.10 8.75 -12.93
CA TYR A 1770 -25.30 8.28 -11.80
C TYR A 1770 -25.90 8.61 -10.44
N CYS A 1771 -26.96 9.40 -10.36
CA CYS A 1771 -27.65 9.69 -9.10
C CYS A 1771 -29.01 10.32 -9.37
N ASP A 1772 -29.69 10.75 -8.31
CA ASP A 1772 -30.99 11.35 -8.45
C ASP A 1772 -31.28 12.26 -7.26
N PRO A 1773 -31.39 13.58 -7.46
CA PRO A 1773 -31.84 14.44 -6.37
C PRO A 1773 -33.36 14.34 -6.18
N THR A 1774 -33.91 15.15 -5.27
CA THR A 1774 -35.32 15.20 -4.91
C THR A 1774 -35.88 13.85 -4.50
N LEU A 1775 -35.08 13.02 -3.85
CA LEU A 1775 -35.44 11.66 -3.48
C LEU A 1775 -36.19 11.68 -2.15
N PRO A 1776 -37.24 10.87 -2.00
CA PRO A 1776 -37.94 10.83 -0.72
C PRO A 1776 -37.08 10.20 0.37
N ASN A 1777 -36.99 10.89 1.49
CA ASN A 1777 -35.98 10.56 2.47
C ASN A 1777 -36.56 10.75 3.86
N SER A 1778 -36.35 9.74 4.71
CA SER A 1778 -37.07 9.67 5.99
C SER A 1778 -36.49 10.65 7.00
N ASN A 1779 -35.24 11.05 6.83
CA ASN A 1779 -34.52 11.77 7.88
C ASN A 1779 -34.83 13.26 7.87
N GLY A 1780 -35.76 13.68 7.02
CA GLY A 1780 -36.08 15.08 6.87
C GLY A 1780 -35.13 15.82 5.94
N SER A 1781 -34.23 15.07 5.31
CA SER A 1781 -33.29 15.63 4.35
C SER A 1781 -33.54 14.98 2.99
N ARG A 1782 -33.64 15.79 1.93
CA ARG A 1782 -34.05 15.22 0.65
C ARG A 1782 -32.78 14.95 -0.15
N GLY A 1783 -32.93 14.33 -1.32
CA GLY A 1783 -31.80 14.05 -2.19
C GLY A 1783 -31.10 12.74 -1.88
N ASP A 1784 -30.36 12.23 -2.86
CA ASP A 1784 -29.67 10.95 -2.78
C ASP A 1784 -28.23 11.13 -3.21
N CYS A 1785 -27.87 12.36 -3.56
CA CYS A 1785 -26.60 12.67 -4.23
C CYS A 1785 -25.65 13.28 -3.21
N GLY A 1786 -24.55 12.58 -2.94
CA GLY A 1786 -23.52 13.11 -2.07
C GLY A 1786 -22.84 14.33 -2.65
N SER A 1787 -22.21 15.14 -1.81
CA SER A 1787 -21.61 16.39 -2.26
C SER A 1787 -20.11 16.22 -2.43
N PRO A 1788 -19.53 16.69 -3.53
CA PRO A 1788 -18.10 16.45 -3.76
C PRO A 1788 -17.18 17.28 -2.88
N ALA A 1789 -17.63 18.41 -2.37
CA ALA A 1789 -16.73 19.33 -1.66
C ALA A 1789 -16.28 18.76 -0.32
N VAL A 1790 -17.21 18.26 0.49
CA VAL A 1790 -16.82 17.61 1.74
C VAL A 1790 -16.41 16.16 1.48
N GLY A 1791 -16.85 15.57 0.37
CA GLY A 1791 -16.48 14.20 0.08
C GLY A 1791 -15.02 14.06 -0.27
N ILE A 1792 -14.48 15.01 -1.03
CA ILE A 1792 -13.05 15.01 -1.32
C ILE A 1792 -12.26 15.30 -0.06
N LEU A 1793 -12.71 16.29 0.72
CA LEU A 1793 -11.99 16.78 1.89
C LEU A 1793 -11.85 15.69 2.94
N PHE A 1794 -12.94 14.95 3.20
CA PHE A 1794 -13.03 13.83 4.14
C PHE A 1794 -11.93 12.81 3.92
N PHE A 1795 -11.94 12.21 2.73
CA PHE A 1795 -10.97 11.20 2.38
C PHE A 1795 -9.56 11.74 2.26
N THR A 1796 -9.42 12.97 1.75
CA THR A 1796 -8.09 13.45 1.44
C THR A 1796 -7.40 13.99 2.68
N THR A 1797 -8.13 14.15 3.79
CA THR A 1797 -7.41 14.41 5.03
C THR A 1797 -7.33 13.17 5.90
N TYR A 1798 -8.26 12.21 5.72
CA TYR A 1798 -8.15 10.99 6.49
C TYR A 1798 -6.97 10.15 6.04
N ILE A 1799 -6.67 10.17 4.75
CA ILE A 1799 -5.53 9.43 4.22
C ILE A 1799 -4.22 9.93 4.80
N ILE A 1800 -4.02 11.24 4.77
CA ILE A 1800 -2.81 11.85 5.32
C ILE A 1800 -2.66 11.60 6.82
N ILE A 1801 -3.74 11.74 7.58
CA ILE A 1801 -3.65 11.51 9.03
C ILE A 1801 -3.35 10.05 9.33
N SER A 1802 -4.02 9.14 8.63
CA SER A 1802 -3.74 7.71 8.78
C SER A 1802 -2.30 7.38 8.37
N PHE A 1803 -1.84 7.99 7.28
CA PHE A 1803 -0.49 7.76 6.79
C PHE A 1803 0.50 8.14 7.87
N LEU A 1804 0.41 9.37 8.35
CA LEU A 1804 1.30 9.84 9.40
C LEU A 1804 1.40 8.81 10.52
N ILE A 1805 0.28 8.55 11.18
CA ILE A 1805 0.27 7.57 12.27
C ILE A 1805 0.94 6.29 11.81
N VAL A 1806 0.45 5.72 10.71
CA VAL A 1806 1.02 4.50 10.18
C VAL A 1806 2.50 4.66 9.85
N VAL A 1807 2.98 5.91 9.91
CA VAL A 1807 4.40 6.19 9.73
C VAL A 1807 5.07 6.29 11.09
N ASN A 1808 4.28 6.58 12.11
CA ASN A 1808 4.74 6.55 13.49
C ASN A 1808 5.09 5.12 13.83
N MET A 1809 4.12 4.24 13.65
CA MET A 1809 4.29 2.82 13.94
C MET A 1809 5.66 2.33 13.47
N TYR A 1810 6.04 2.73 12.27
CA TYR A 1810 7.32 2.37 11.70
C TYR A 1810 8.46 2.85 12.59
N ILE A 1811 8.38 4.10 13.02
CA ILE A 1811 9.45 4.69 13.84
C ILE A 1811 9.58 3.95 15.18
N ALA A 1812 8.45 3.59 15.78
CA ALA A 1812 8.47 2.87 17.05
C ALA A 1812 9.09 1.48 16.90
N ILE A 1813 8.74 0.79 15.81
CA ILE A 1813 9.28 -0.54 15.55
C ILE A 1813 10.78 -0.47 15.26
N ILE A 1814 11.22 0.49 14.45
CA ILE A 1814 12.64 0.55 14.14
C ILE A 1814 13.48 1.01 15.33
N LEU A 1815 12.90 1.79 16.25
CA LEU A 1815 13.60 2.17 17.47
C LEU A 1815 13.80 0.96 18.38
N GLU A 1816 12.73 0.19 18.59
CA GLU A 1816 12.88 -1.00 19.41
C GLU A 1816 13.72 -2.08 18.75
N ASN A 1817 13.81 -2.12 17.43
CA ASN A 1817 14.68 -3.10 16.76
C ASN A 1817 16.13 -2.69 16.93
N PHE A 1818 16.44 -1.40 16.71
CA PHE A 1818 17.81 -0.94 16.86
C PHE A 1818 18.30 -1.06 18.30
N SER A 1819 17.42 -0.87 19.28
CA SER A 1819 17.82 -1.00 20.67
C SER A 1819 18.19 -2.43 21.04
N VAL A 1820 17.41 -3.41 20.59
CA VAL A 1820 17.69 -4.82 20.88
C VAL A 1820 18.92 -5.28 20.11
N ALA A 1821 19.03 -4.87 18.85
CA ALA A 1821 20.14 -5.27 17.99
C ALA A 1821 21.47 -4.69 18.48
N THR A 1822 21.52 -3.37 18.69
CA THR A 1822 22.74 -2.76 19.21
C THR A 1822 22.93 -2.97 20.71
N GLU A 1823 21.94 -3.56 21.39
CA GLU A 1823 22.17 -3.98 22.77
C GLU A 1823 23.06 -5.22 22.85
N GLU A 1824 22.67 -6.30 22.20
CA GLU A 1824 23.48 -7.52 22.26
C GLU A 1824 23.90 -7.97 20.87
#